data_5L9H
#
_entry.id   5L9H
#
_cell.length_a   112.540
_cell.length_b   115.010
_cell.length_c   68.680
_cell.angle_alpha   90.00
_cell.angle_beta   107.05
_cell.angle_gamma   90.00
#
_symmetry.space_group_name_H-M   'C 1 2 1'
#
loop_
_entity.id
_entity.type
_entity.pdbx_description
1 polymer Phosphodiesterase
2 non-polymer 'ZINC ION'
3 non-polymer 'MAGNESIUM ION'
4 non-polymer GLYCEROL
5 non-polymer 'FORMIC ACID'
6 non-polymer 5-[4-methoxy-3-[4-[4-(1~{H}-1,2,3,4-tetrazol-5-yl)phenoxy]butoxy]phenyl]-4,4-dimethyl-2-propan-2-yl-pyrazol-3-one
7 water water
#
_entity_poly.entity_id   1
_entity_poly.type   'polypeptide(L)'
_entity_poly.pdbx_seq_one_letter_code
;GSHMASELNEHRATLFNKNVPSRAVKRVTAITKVEREAVLVCELPSFDVTDVEFDLFRARESTDKPLDVAAAIAYRLLLG
SGLPQKFGCSDEVLLNFILQCRKKYRNVPYHNFYHVVDVCQTIHTFLYRGNVYEKLTELECFVLLITALVHDLDHMGLNN
SFYLKTESPLGILSSASGNTSVLEVHHCNLAVEILSDPESDVFDGLEGAERTLAFRSMIDCVLATDMAKHGSALEAFLAS
AADQSSDEAAFHRMTMEIILKAGDISNVTKPFDISRQWAMAVTEEFYRQGDMEKERGVEVLPMFDRSKNMELAKGQIGFI
DFVAAPFFQKIVDACLQGMQWTVDRIKSNRAQWERVLETR
;
_entity_poly.pdbx_strand_id   A,B
#
# COMPACT_ATOMS: atom_id res chain seq x y z
N VAL A 28 33.86 21.69 -19.64
CA VAL A 28 33.73 20.28 -19.15
C VAL A 28 34.18 19.31 -20.30
N THR A 29 35.00 18.27 -20.01
CA THR A 29 35.49 17.28 -21.02
C THR A 29 34.31 16.60 -21.72
N ALA A 30 34.26 16.56 -23.05
CA ALA A 30 33.05 16.08 -23.75
C ALA A 30 32.73 14.59 -23.53
N ILE A 31 31.55 14.20 -24.01
CA ILE A 31 31.01 12.85 -23.81
C ILE A 31 31.39 11.99 -25.01
N THR A 32 32.16 10.93 -24.74
CA THR A 32 32.64 10.04 -25.80
C THR A 32 31.49 9.21 -26.35
N LYS A 33 31.58 8.91 -27.65
CA LYS A 33 30.75 7.90 -28.36
C LYS A 33 30.53 6.61 -27.55
N VAL A 34 31.55 6.20 -26.79
CA VAL A 34 31.51 4.97 -25.99
C VAL A 34 30.47 5.05 -24.86
N GLU A 35 30.57 6.13 -24.07
CA GLU A 35 29.68 6.43 -22.93
C GLU A 35 28.20 6.48 -23.33
N ARG A 36 27.88 7.15 -24.41
CA ARG A 36 26.50 7.11 -24.95
C ARG A 36 25.98 5.68 -25.29
N GLU A 37 26.78 4.88 -25.98
CA GLU A 37 26.31 3.56 -26.33
C GLU A 37 26.13 2.73 -25.09
N ALA A 38 26.98 2.94 -24.12
CA ALA A 38 26.88 2.22 -22.88
C ALA A 38 25.50 2.39 -22.29
N VAL A 39 24.90 3.55 -22.47
CA VAL A 39 23.60 3.81 -21.91
C VAL A 39 22.53 3.39 -22.87
N LEU A 40 22.78 3.58 -24.15
CA LEU A 40 21.79 3.26 -25.15
C LEU A 40 21.37 1.82 -25.29
N VAL A 41 22.16 0.91 -24.74
CA VAL A 41 21.86 -0.50 -24.83
C VAL A 41 20.99 -1.03 -23.71
N CYS A 42 20.94 -0.32 -22.59
CA CYS A 42 20.11 -0.76 -21.49
C CYS A 42 18.71 -0.79 -22.00
N GLU A 43 18.05 -1.93 -21.91
CA GLU A 43 16.70 -2.04 -22.43
C GLU A 43 15.59 -1.94 -21.39
N LEU A 44 15.93 -2.11 -20.13
CA LEU A 44 14.94 -2.02 -19.07
C LEU A 44 13.74 -2.94 -19.26
N PRO A 45 13.97 -4.24 -19.15
CA PRO A 45 12.89 -5.18 -19.30
C PRO A 45 12.04 -5.07 -18.03
N SER A 46 10.74 -5.21 -18.16
CA SER A 46 9.81 -5.21 -17.00
C SER A 46 9.36 -3.86 -16.44
N PHE A 47 10.01 -2.75 -16.81
CA PHE A 47 9.84 -1.46 -16.12
C PHE A 47 8.94 -0.51 -16.89
N ASP A 48 7.97 0.08 -16.19
CA ASP A 48 7.25 1.25 -16.72
C ASP A 48 7.71 2.51 -15.91
N VAL A 49 8.66 3.25 -16.48
CA VAL A 49 9.21 4.46 -15.87
C VAL A 49 8.20 5.58 -15.61
N THR A 50 7.09 5.61 -16.34
CA THR A 50 6.04 6.62 -16.10
C THR A 50 5.09 6.28 -14.95
N ASP A 51 5.30 5.15 -14.28
CA ASP A 51 4.35 4.67 -13.30
C ASP A 51 4.69 5.16 -11.87
N VAL A 52 3.67 5.51 -11.12
CA VAL A 52 3.85 5.94 -9.72
C VAL A 52 4.46 4.86 -8.79
N GLU A 53 4.39 3.61 -9.21
CA GLU A 53 4.91 2.48 -8.40
C GLU A 53 6.21 1.96 -8.92
N PHE A 54 6.79 2.65 -9.88
CA PHE A 54 8.13 2.36 -10.32
C PHE A 54 9.13 2.41 -9.17
N ASP A 55 10.08 1.45 -9.23
CA ASP A 55 11.02 1.09 -8.15
C ASP A 55 12.45 1.16 -8.65
N LEU A 56 13.11 2.25 -8.29
CA LEU A 56 14.43 2.56 -8.79
C LEU A 56 15.45 1.65 -8.10
N PHE A 57 15.17 1.28 -6.85
CA PHE A 57 16.02 0.34 -6.10
C PHE A 57 16.10 -1.04 -6.82
N ARG A 58 14.96 -1.55 -7.27
CA ARG A 58 14.91 -2.76 -8.06
C ARG A 58 15.59 -2.58 -9.43
N ALA A 59 15.43 -1.42 -10.06
CA ALA A 59 16.17 -1.13 -11.32
C ALA A 59 17.71 -1.14 -11.15
N ARG A 60 18.21 -0.54 -10.08
CA ARG A 60 19.63 -0.57 -9.78
C ARG A 60 20.15 -2.02 -9.65
N GLU A 61 19.45 -2.80 -8.82
CA GLU A 61 19.80 -4.20 -8.51
C GLU A 61 19.64 -5.16 -9.68
N SER A 62 18.93 -4.77 -10.74
CA SER A 62 18.70 -5.65 -11.87
C SER A 62 19.85 -5.73 -12.87
N THR A 63 20.96 -5.01 -12.63
CA THR A 63 22.17 -5.14 -13.45
C THR A 63 23.39 -4.82 -12.61
N ASP A 64 24.54 -4.93 -13.26
CA ASP A 64 25.83 -4.62 -12.70
C ASP A 64 26.32 -3.27 -13.22
N LYS A 65 25.48 -2.55 -13.94
CA LYS A 65 25.83 -1.22 -14.43
C LYS A 65 24.67 -0.34 -14.02
N PRO A 66 24.55 -0.17 -12.66
CA PRO A 66 23.41 0.68 -12.25
C PRO A 66 23.45 2.11 -12.78
N LEU A 67 24.62 2.70 -12.87
CA LEU A 67 24.68 4.07 -13.32
C LEU A 67 24.15 4.22 -14.72
N ASP A 68 24.40 3.25 -15.57
CA ASP A 68 23.91 3.30 -16.96
C ASP A 68 22.39 3.12 -17.04
N VAL A 69 21.88 2.30 -16.14
CA VAL A 69 20.44 2.07 -16.05
C VAL A 69 19.74 3.37 -15.61
N ALA A 70 20.29 4.01 -14.58
CA ALA A 70 19.77 5.29 -14.10
C ALA A 70 19.72 6.34 -15.25
N ALA A 71 20.82 6.42 -16.01
CA ALA A 71 20.89 7.34 -17.14
C ALA A 71 19.86 7.00 -18.20
N ALA A 72 19.62 5.72 -18.44
CA ALA A 72 18.57 5.36 -19.44
C ALA A 72 17.15 5.66 -18.96
N ILE A 73 16.93 5.60 -17.64
CA ILE A 73 15.63 5.96 -17.10
C ILE A 73 15.41 7.45 -17.36
N ALA A 74 16.39 8.28 -16.96
CA ALA A 74 16.36 9.73 -17.23
C ALA A 74 16.09 10.01 -18.71
N TYR A 75 16.88 9.40 -19.57
CA TYR A 75 16.80 9.58 -20.99
C TYR A 75 15.46 9.19 -21.53
N ARG A 76 14.97 8.06 -21.08
CA ARG A 76 13.71 7.58 -21.53
C ARG A 76 12.59 8.45 -21.11
N LEU A 77 12.67 8.95 -19.90
CA LEU A 77 11.63 9.80 -19.40
C LEU A 77 11.57 11.06 -20.19
N LEU A 78 12.72 11.63 -20.49
CA LEU A 78 12.77 12.87 -21.27
C LEU A 78 12.22 12.70 -22.71
N LEU A 79 12.60 11.62 -23.39
CA LEU A 79 12.05 11.34 -24.74
C LEU A 79 10.55 11.04 -24.76
N GLY A 80 10.09 10.18 -23.87
CA GLY A 80 8.66 9.85 -23.83
C GLY A 80 7.74 11.03 -23.60
N SER A 81 8.25 12.07 -22.96
CA SER A 81 7.51 13.30 -22.71
C SER A 81 7.16 14.06 -24.02
N GLY A 82 7.99 13.86 -25.06
CA GLY A 82 7.84 14.58 -26.31
C GLY A 82 8.46 15.98 -26.29
N LEU A 83 9.06 16.38 -25.16
CA LEU A 83 9.43 17.80 -24.94
C LEU A 83 10.75 18.21 -25.56
N PRO A 84 11.83 17.45 -25.33
CA PRO A 84 13.12 17.89 -25.93
C PRO A 84 13.10 18.16 -27.44
N GLN A 85 12.41 17.30 -28.19
CA GLN A 85 12.28 17.39 -29.65
C GLN A 85 11.57 18.68 -30.01
N LYS A 86 10.49 19.02 -29.29
CA LYS A 86 9.78 20.28 -29.52
C LYS A 86 10.64 21.53 -29.35
N PHE A 87 11.69 21.47 -28.52
CA PHE A 87 12.52 22.63 -28.21
C PHE A 87 13.92 22.54 -28.79
N GLY A 88 14.04 21.79 -29.90
CA GLY A 88 15.29 21.71 -30.65
C GLY A 88 16.45 21.06 -29.93
N CYS A 89 16.14 20.15 -29.00
CA CYS A 89 17.18 19.38 -28.29
C CYS A 89 17.16 18.00 -28.90
N SER A 90 18.22 17.69 -29.63
CA SER A 90 18.38 16.37 -30.22
C SER A 90 18.54 15.33 -29.14
N ASP A 91 18.24 14.09 -29.51
CA ASP A 91 18.59 12.91 -28.73
C ASP A 91 20.05 12.90 -28.22
N GLU A 92 20.99 13.28 -29.07
CA GLU A 92 22.40 13.20 -28.69
C GLU A 92 22.75 14.23 -27.63
N VAL A 93 22.25 15.47 -27.76
CA VAL A 93 22.55 16.55 -26.79
C VAL A 93 21.94 16.23 -25.43
N LEU A 94 20.71 15.71 -25.46
CA LEU A 94 20.02 15.27 -24.26
C LEU A 94 20.85 14.33 -23.47
N LEU A 95 21.32 13.30 -24.16
CA LEU A 95 22.07 12.24 -23.49
C LEU A 95 23.41 12.77 -23.00
N ASN A 96 23.98 13.71 -23.74
CA ASN A 96 25.22 14.34 -23.27
C ASN A 96 25.05 15.08 -21.95
N PHE A 97 23.98 15.85 -21.88
CA PHE A 97 23.62 16.56 -20.69
C PHE A 97 23.43 15.61 -19.50
N ILE A 98 22.65 14.56 -19.72
CA ILE A 98 22.40 13.59 -18.67
C ILE A 98 23.74 13.07 -18.15
N LEU A 99 24.63 12.67 -19.07
CA LEU A 99 25.96 12.12 -18.65
C LEU A 99 26.87 13.16 -18.03
N GLN A 100 26.78 14.41 -18.46
CA GLN A 100 27.52 15.47 -17.77
C GLN A 100 27.03 15.69 -16.34
N CYS A 101 25.71 15.58 -16.12
CA CYS A 101 25.17 15.70 -14.75
C CYS A 101 25.72 14.56 -13.92
N ARG A 102 25.59 13.33 -14.46
CA ARG A 102 26.08 12.13 -13.75
C ARG A 102 27.51 12.30 -13.23
N LYS A 103 28.41 12.69 -14.14
CA LYS A 103 29.82 12.89 -13.80
C LYS A 103 30.04 13.77 -12.58
N LYS A 104 29.10 14.67 -12.29
CA LYS A 104 29.25 15.60 -11.16
C LYS A 104 28.56 15.16 -9.88
N TYR A 105 27.90 13.99 -9.87
CA TYR A 105 27.31 13.48 -8.61
C TYR A 105 28.31 12.57 -7.92
N ARG A 106 28.38 12.70 -6.59
CA ARG A 106 29.35 11.96 -5.80
C ARG A 106 28.79 10.60 -5.31
N ASN A 107 29.65 9.86 -4.62
CA ASN A 107 29.36 8.53 -4.14
C ASN A 107 28.96 8.64 -2.66
N VAL A 108 27.84 9.32 -2.39
CA VAL A 108 27.34 9.46 -1.01
C VAL A 108 26.08 8.59 -0.87
N PRO A 109 25.56 8.42 0.36
CA PRO A 109 24.43 7.47 0.52
C PRO A 109 23.08 7.89 -0.10
N TYR A 110 22.67 9.15 0.10
CA TYR A 110 21.37 9.69 -0.38
C TYR A 110 21.49 10.68 -1.58
N HIS A 111 22.22 11.78 -1.40
CA HIS A 111 22.32 12.82 -2.43
C HIS A 111 23.27 12.52 -3.59
N ASN A 112 22.96 11.47 -4.32
CA ASN A 112 23.76 10.97 -5.44
C ASN A 112 22.91 11.01 -6.68
N PHE A 113 23.40 10.45 -7.78
CA PHE A 113 22.69 10.51 -9.06
C PHE A 113 21.32 9.79 -8.99
N TYR A 114 21.22 8.74 -8.17
CA TYR A 114 19.97 7.97 -8.00
C TYR A 114 18.88 8.87 -7.38
N HIS A 115 19.26 9.70 -6.40
CA HIS A 115 18.30 10.66 -5.88
C HIS A 115 17.70 11.59 -6.96
N VAL A 116 18.51 12.09 -7.87
CA VAL A 116 17.99 13.11 -8.80
C VAL A 116 17.26 12.48 -9.95
N VAL A 117 17.63 11.25 -10.33
CA VAL A 117 16.85 10.50 -11.31
C VAL A 117 15.48 10.20 -10.67
N ASP A 118 15.46 9.86 -9.38
CA ASP A 118 14.23 9.65 -8.69
C ASP A 118 13.35 10.88 -8.75
N VAL A 119 13.93 12.05 -8.45
CA VAL A 119 13.16 13.30 -8.46
C VAL A 119 12.62 13.63 -9.84
N CYS A 120 13.41 13.36 -10.88
CA CYS A 120 13.01 13.48 -12.26
C CYS A 120 11.80 12.59 -12.58
N GLN A 121 11.94 11.31 -12.20
CA GLN A 121 10.87 10.37 -12.43
C GLN A 121 9.64 10.73 -11.66
N THR A 122 9.81 11.16 -10.43
CA THR A 122 8.64 11.53 -9.60
C THR A 122 7.90 12.76 -10.16
N ILE A 123 8.66 13.79 -10.52
CA ILE A 123 8.07 15.02 -11.11
C ILE A 123 7.35 14.65 -12.40
N HIS A 124 7.92 13.73 -13.18
CA HIS A 124 7.18 13.21 -14.38
C HIS A 124 5.81 12.72 -13.97
N THR A 125 5.73 11.92 -12.90
CA THR A 125 4.45 11.39 -12.46
C THR A 125 3.52 12.52 -11.95
N PHE A 126 4.06 13.49 -11.20
CA PHE A 126 3.18 14.63 -10.80
C PHE A 126 2.66 15.39 -11.99
N LEU A 127 3.48 15.52 -13.02
CA LEU A 127 3.04 16.29 -14.19
C LEU A 127 1.95 15.54 -14.96
N TYR A 128 2.20 14.25 -15.23
CA TYR A 128 1.42 13.51 -16.25
C TYR A 128 0.34 12.59 -15.70
N ARG A 129 0.57 11.99 -14.54
CA ARG A 129 -0.45 11.25 -13.80
C ARG A 129 -1.19 12.12 -12.79
N GLY A 130 -0.56 13.18 -12.26
CA GLY A 130 -1.28 14.14 -11.41
C GLY A 130 -1.86 15.36 -12.12
N ASN A 131 -1.68 15.41 -13.44
CA ASN A 131 -2.22 16.46 -14.29
C ASN A 131 -1.77 17.88 -13.98
N VAL A 132 -0.59 18.00 -13.37
CA VAL A 132 -0.06 19.32 -13.06
C VAL A 132 0.41 19.97 -14.35
N TYR A 133 0.69 19.18 -15.38
CA TYR A 133 1.01 19.75 -16.69
C TYR A 133 -0.07 20.81 -17.11
N GLU A 134 -1.32 20.63 -16.70
CA GLU A 134 -2.40 21.57 -17.13
C GLU A 134 -2.14 22.99 -16.67
N LYS A 135 -1.40 23.13 -15.56
CA LYS A 135 -1.06 24.43 -15.00
C LYS A 135 0.17 25.15 -15.62
N LEU A 136 0.90 24.50 -16.54
CA LEU A 136 2.20 24.97 -17.05
C LEU A 136 2.33 24.86 -18.56
N THR A 137 3.25 25.63 -19.13
CA THR A 137 3.52 25.55 -20.53
C THR A 137 4.36 24.27 -20.75
N GLU A 138 4.50 23.87 -22.00
CA GLU A 138 5.39 22.79 -22.33
C GLU A 138 6.83 23.09 -21.98
N LEU A 139 7.25 24.34 -22.20
CA LEU A 139 8.62 24.75 -21.89
C LEU A 139 8.87 24.57 -20.38
N GLU A 140 7.93 25.04 -19.57
CA GLU A 140 8.05 24.87 -18.12
C GLU A 140 8.14 23.40 -17.67
N CYS A 141 7.38 22.51 -18.28
CA CYS A 141 7.46 21.07 -17.98
C CYS A 141 8.83 20.48 -18.32
N PHE A 142 9.37 20.91 -19.45
CA PHE A 142 10.69 20.51 -19.90
C PHE A 142 11.76 21.01 -18.93
N VAL A 143 11.66 22.28 -18.53
CA VAL A 143 12.60 22.86 -17.59
C VAL A 143 12.56 22.12 -16.24
N LEU A 144 11.37 21.78 -15.75
CA LEU A 144 11.34 21.04 -14.49
C LEU A 144 12.05 19.72 -14.60
N LEU A 145 11.79 18.97 -15.67
CA LEU A 145 12.41 17.62 -15.80
C LEU A 145 13.94 17.72 -15.85
N ILE A 146 14.43 18.74 -16.53
CA ILE A 146 15.85 19.00 -16.63
C ILE A 146 16.39 19.43 -15.28
N THR A 147 15.70 20.36 -14.63
CA THR A 147 16.14 20.89 -13.39
C THR A 147 16.24 19.81 -12.30
N ALA A 148 15.34 18.83 -12.34
CA ALA A 148 15.46 17.69 -11.45
C ALA A 148 16.87 17.10 -11.44
N LEU A 149 17.49 17.02 -12.60
CA LEU A 149 18.80 16.35 -12.74
C LEU A 149 19.95 17.21 -12.33
N VAL A 150 19.78 18.54 -12.28
CA VAL A 150 20.87 19.44 -11.84
C VAL A 150 20.79 19.87 -10.40
N HIS A 151 19.74 19.53 -9.67
CA HIS A 151 19.38 20.35 -8.47
C HIS A 151 20.18 20.03 -7.22
N ASP A 152 20.98 18.96 -7.30
CA ASP A 152 21.91 18.59 -6.23
C ASP A 152 23.37 18.36 -6.69
N LEU A 153 23.74 18.90 -7.85
CA LEU A 153 25.05 18.66 -8.41
C LEU A 153 26.18 18.87 -7.40
N ASP A 154 27.04 17.84 -7.27
CA ASP A 154 28.24 17.87 -6.45
C ASP A 154 27.91 17.99 -4.94
N HIS A 155 26.78 17.44 -4.51
CA HIS A 155 26.47 17.26 -3.07
C HIS A 155 27.49 16.30 -2.46
N MET A 156 28.02 16.64 -1.29
CA MET A 156 29.05 15.80 -0.60
C MET A 156 28.49 15.02 0.59
N GLY A 157 27.22 15.20 0.83
CA GLY A 157 26.51 14.54 1.87
C GLY A 157 26.40 15.37 3.11
N LEU A 158 26.68 16.67 2.98
CA LEU A 158 26.65 17.59 4.11
C LEU A 158 25.71 18.73 3.79
N ASN A 159 24.93 19.15 4.76
CA ASN A 159 23.95 20.22 4.56
C ASN A 159 24.55 21.62 4.71
N ASN A 160 23.73 22.64 4.44
CA ASN A 160 24.16 24.02 4.54
C ASN A 160 24.73 24.32 5.90
N SER A 161 24.04 23.82 6.90
CA SER A 161 24.40 24.09 8.30
C SER A 161 25.84 23.67 8.62
N PHE A 162 26.27 22.51 8.11
CA PHE A 162 27.62 22.05 8.34
C PHE A 162 28.64 23.11 7.89
N TYR A 163 28.52 23.55 6.63
CA TYR A 163 29.41 24.55 6.03
C TYR A 163 29.43 25.89 6.82
N LEU A 164 28.29 26.34 7.33
CA LEU A 164 28.22 27.62 8.00
C LEU A 164 28.84 27.58 9.41
N LYS A 165 28.48 26.56 10.18
CA LYS A 165 28.90 26.54 11.58
C LYS A 165 30.32 25.96 11.73
N THR A 166 30.86 25.25 10.73
CA THR A 166 32.29 24.93 10.70
C THR A 166 33.19 26.05 10.09
N GLU A 167 32.63 27.22 9.74
CA GLU A 167 33.36 28.27 9.02
C GLU A 167 34.25 27.70 7.90
N SER A 168 33.68 26.81 7.10
CA SER A 168 34.30 26.23 5.90
C SER A 168 34.44 27.32 4.82
N PRO A 169 35.37 27.16 3.87
CA PRO A 169 35.48 28.16 2.81
C PRO A 169 34.19 28.52 2.09
N LEU A 170 33.40 27.55 1.61
CA LEU A 170 32.07 27.88 1.02
C LEU A 170 31.14 28.55 2.00
N GLY A 171 31.16 28.11 3.26
CA GLY A 171 30.39 28.77 4.31
C GLY A 171 30.72 30.23 4.42
N ILE A 172 32.03 30.51 4.47
CA ILE A 172 32.54 31.88 4.61
C ILE A 172 32.15 32.70 3.40
N LEU A 173 32.33 32.12 2.21
CA LEU A 173 31.96 32.82 0.96
C LEU A 173 30.47 33.16 0.90
N SER A 174 29.63 32.24 1.35
CA SER A 174 28.19 32.50 1.40
C SER A 174 27.84 33.56 2.43
N SER A 175 28.43 33.48 3.62
CA SER A 175 28.18 34.47 4.67
C SER A 175 28.63 35.85 4.18
N ALA A 176 29.84 35.94 3.58
CA ALA A 176 30.34 37.23 3.06
C ALA A 176 29.45 37.82 1.96
N SER A 177 28.95 36.98 1.04
CA SER A 177 28.07 37.48 -0.03
C SER A 177 26.59 37.64 0.32
N GLY A 178 26.20 37.50 1.60
CA GLY A 178 24.79 37.69 2.03
C GLY A 178 23.82 36.61 1.56
N ASN A 179 24.25 35.37 1.59
CA ASN A 179 23.49 34.25 1.06
C ASN A 179 23.63 33.01 1.96
N THR A 180 22.52 32.47 2.46
CA THR A 180 22.57 31.31 3.37
C THR A 180 22.52 29.99 2.59
N SER A 181 21.93 30.03 1.39
CA SER A 181 21.77 28.86 0.58
C SER A 181 23.11 28.41 -0.07
N VAL A 182 24.04 28.09 0.80
CA VAL A 182 25.36 27.65 0.42
C VAL A 182 25.38 26.66 -0.72
N LEU A 183 24.70 25.55 -0.55
CA LEU A 183 24.70 24.53 -1.55
C LEU A 183 23.89 24.76 -2.79
N GLU A 184 22.79 25.45 -2.64
CA GLU A 184 21.87 25.62 -3.77
C GLU A 184 22.50 26.53 -4.80
N VAL A 185 23.24 27.52 -4.31
CA VAL A 185 24.05 28.40 -5.17
C VAL A 185 25.11 27.58 -5.90
N HIS A 186 25.80 26.70 -5.19
CA HIS A 186 26.80 25.84 -5.82
C HIS A 186 26.17 24.94 -6.90
N HIS A 187 24.98 24.39 -6.61
CA HIS A 187 24.30 23.57 -7.63
C HIS A 187 24.00 24.39 -8.88
N CYS A 188 23.47 25.62 -8.72
CA CYS A 188 23.19 26.45 -9.88
C CYS A 188 24.43 26.78 -10.72
N ASN A 189 25.53 27.13 -10.05
CA ASN A 189 26.82 27.35 -10.73
C ASN A 189 27.24 26.19 -11.63
N LEU A 190 27.13 24.97 -11.13
CA LEU A 190 27.53 23.81 -11.95
C LEU A 190 26.57 23.54 -13.06
N ALA A 191 25.32 23.94 -12.84
CA ALA A 191 24.30 23.73 -13.85
C ALA A 191 24.61 24.65 -15.01
N VAL A 192 24.92 25.91 -14.69
CA VAL A 192 25.33 26.88 -15.71
C VAL A 192 26.58 26.43 -16.49
N GLU A 193 27.58 25.86 -15.82
CA GLU A 193 28.75 25.32 -16.54
C GLU A 193 28.33 24.27 -17.57
N ILE A 194 27.51 23.31 -17.17
CA ILE A 194 27.14 22.23 -18.08
C ILE A 194 26.45 22.81 -19.31
N LEU A 195 25.57 23.78 -19.07
CA LEU A 195 24.76 24.34 -20.15
C LEU A 195 25.51 25.30 -21.12
N SER A 196 26.61 25.87 -20.67
CA SER A 196 27.43 26.74 -21.50
C SER A 196 28.18 26.02 -22.65
N ASP A 197 28.35 24.68 -22.56
CA ASP A 197 28.87 23.84 -23.64
C ASP A 197 27.72 23.46 -24.57
N PRO A 198 27.76 23.88 -25.86
CA PRO A 198 26.63 23.61 -26.79
C PRO A 198 26.28 22.13 -27.02
N GLU A 199 27.28 21.26 -26.88
CA GLU A 199 27.11 19.79 -26.97
C GLU A 199 26.33 19.16 -25.78
N SER A 200 26.20 19.88 -24.65
CA SER A 200 25.30 19.50 -23.56
C SER A 200 24.22 20.55 -23.21
N ASP A 201 23.96 21.52 -24.06
CA ASP A 201 23.01 22.60 -23.72
C ASP A 201 21.66 22.20 -24.25
N VAL A 202 20.89 21.57 -23.39
CA VAL A 202 19.53 21.20 -23.71
C VAL A 202 18.61 22.40 -23.95
N PHE A 203 19.06 23.61 -23.66
CA PHE A 203 18.29 24.83 -23.98
C PHE A 203 18.79 25.59 -25.22
N ASP A 204 19.70 24.98 -25.99
CA ASP A 204 20.32 25.70 -27.11
C ASP A 204 19.33 26.10 -28.21
N GLY A 205 18.31 25.30 -28.43
CA GLY A 205 17.29 25.58 -29.38
C GLY A 205 16.28 26.62 -28.95
N LEU A 206 16.49 27.25 -27.80
CA LEU A 206 15.63 28.36 -27.39
C LEU A 206 16.34 29.67 -27.70
N GLU A 207 15.56 30.75 -27.67
CA GLU A 207 15.99 32.08 -28.01
C GLU A 207 15.21 33.10 -27.19
N GLY A 208 15.78 34.29 -27.04
CA GLY A 208 15.05 35.41 -26.50
C GLY A 208 14.54 35.14 -25.12
N ALA A 209 13.30 35.54 -24.89
CA ALA A 209 12.66 35.38 -23.61
C ALA A 209 12.45 33.91 -23.20
N GLU A 210 12.41 32.98 -24.14
CA GLU A 210 12.24 31.58 -23.79
C GLU A 210 13.50 31.00 -23.17
N ARG A 211 14.65 31.34 -23.72
CA ARG A 211 15.92 30.94 -23.15
C ARG A 211 16.15 31.57 -21.78
N THR A 212 15.85 32.85 -21.68
CA THR A 212 15.91 33.57 -20.40
C THR A 212 15.02 32.93 -19.35
N LEU A 213 13.80 32.59 -19.72
CA LEU A 213 12.86 31.99 -18.80
C LEU A 213 13.36 30.63 -18.32
N ALA A 214 13.89 29.81 -19.23
CA ALA A 214 14.47 28.51 -18.87
C ALA A 214 15.54 28.65 -17.80
N PHE A 215 16.48 29.60 -18.00
CA PHE A 215 17.53 29.78 -17.00
C PHE A 215 16.98 30.30 -15.69
N ARG A 216 16.17 31.36 -15.73
CA ARG A 216 15.67 31.98 -14.51
C ARG A 216 14.82 30.99 -13.71
N SER A 217 13.99 30.22 -14.40
CA SER A 217 13.09 29.29 -13.71
C SER A 217 13.86 28.13 -13.18
N MET A 218 14.83 27.64 -13.92
CA MET A 218 15.71 26.57 -13.40
C MET A 218 16.38 27.00 -12.11
N ILE A 219 16.96 28.18 -12.15
CA ILE A 219 17.69 28.71 -10.99
C ILE A 219 16.76 29.00 -9.83
N ASP A 220 15.61 29.64 -10.08
CA ASP A 220 14.63 29.90 -9.04
C ASP A 220 14.16 28.59 -8.36
N CYS A 221 13.91 27.54 -9.13
CA CYS A 221 13.50 26.27 -8.54
C CYS A 221 14.58 25.71 -7.69
N VAL A 222 15.81 25.73 -8.14
CA VAL A 222 16.90 25.08 -7.35
C VAL A 222 17.11 25.84 -6.05
N LEU A 223 17.09 27.19 -6.12
CA LEU A 223 17.20 27.99 -4.90
C LEU A 223 16.08 27.69 -3.94
N ALA A 224 14.89 27.38 -4.46
CA ALA A 224 13.71 27.10 -3.60
C ALA A 224 13.73 25.76 -2.86
N THR A 225 14.66 24.84 -3.22
CA THR A 225 14.81 23.57 -2.54
C THR A 225 15.54 23.70 -1.20
N ASP A 226 16.10 24.87 -0.89
CA ASP A 226 16.68 25.09 0.45
C ASP A 226 15.57 24.96 1.52
N MET A 227 15.69 23.95 2.37
CA MET A 227 14.66 23.63 3.38
C MET A 227 14.44 24.70 4.44
N ALA A 228 15.41 25.58 4.62
CA ALA A 228 15.22 26.77 5.44
C ALA A 228 14.15 27.70 4.87
N LYS A 229 13.88 27.62 3.57
CA LYS A 229 12.84 28.45 2.95
C LYS A 229 11.48 27.73 2.82
N HIS A 230 11.38 26.53 3.42
CA HIS A 230 10.21 25.66 3.23
C HIS A 230 8.85 26.38 3.48
N GLY A 231 8.68 26.92 4.67
CA GLY A 231 7.42 27.52 5.08
C GLY A 231 7.02 28.68 4.20
N SER A 232 7.98 29.55 3.91
CA SER A 232 7.68 30.75 3.13
C SER A 232 7.37 30.44 1.65
N ALA A 233 8.08 29.49 1.06
CA ALA A 233 7.78 29.06 -0.32
C ALA A 233 6.38 28.40 -0.42
N LEU A 234 6.05 27.56 0.56
CA LEU A 234 4.73 26.99 0.67
C LEU A 234 3.66 28.05 0.88
N GLU A 235 3.87 28.99 1.79
CA GLU A 235 2.87 30.05 1.99
C GLU A 235 2.67 30.89 0.73
N ALA A 236 3.76 31.27 0.08
CA ALA A 236 3.67 32.04 -1.15
C ALA A 236 2.91 31.30 -2.26
N PHE A 237 3.21 30.01 -2.45
CA PHE A 237 2.45 29.22 -3.41
C PHE A 237 0.94 29.22 -3.10
N LEU A 238 0.58 28.95 -1.84
CA LEU A 238 -0.85 28.89 -1.43
C LEU A 238 -1.55 30.22 -1.58
N ALA A 239 -0.87 31.30 -1.21
CA ALA A 239 -1.42 32.62 -1.35
C ALA A 239 -1.65 32.91 -2.85
N SER A 240 -0.71 32.58 -3.73
CA SER A 240 -0.92 32.84 -5.16
C SER A 240 -2.10 32.02 -5.73
N ALA A 241 -2.21 30.76 -5.28
CA ALA A 241 -3.24 29.84 -5.77
C ALA A 241 -4.63 30.23 -5.30
N ALA A 242 -4.73 30.79 -4.09
CA ALA A 242 -6.00 31.26 -3.53
C ALA A 242 -6.53 32.52 -4.20
N ASP A 243 -5.66 33.24 -4.90
CA ASP A 243 -5.91 34.54 -5.50
C ASP A 243 -6.12 34.47 -7.01
N GLN A 244 -7.37 34.69 -7.46
CA GLN A 244 -7.67 34.73 -8.89
C GLN A 244 -6.98 35.89 -9.64
N SER A 245 -6.54 36.92 -8.92
CA SER A 245 -5.83 38.03 -9.56
C SER A 245 -4.32 37.93 -9.42
N SER A 246 -3.82 36.83 -8.87
CA SER A 246 -2.39 36.62 -8.94
C SER A 246 -1.80 36.80 -10.35
N ASP A 247 -0.64 37.42 -10.35
CA ASP A 247 0.13 37.56 -11.55
C ASP A 247 0.44 36.17 -12.04
N GLU A 248 0.21 35.98 -13.33
CA GLU A 248 0.15 34.68 -13.94
C GLU A 248 1.57 34.07 -14.00
N ALA A 249 2.53 34.89 -14.40
CA ALA A 249 3.93 34.50 -14.46
C ALA A 249 4.43 34.07 -13.10
N ALA A 250 4.07 34.80 -12.07
CA ALA A 250 4.46 34.44 -10.72
C ALA A 250 3.83 33.11 -10.24
N PHE A 251 2.55 32.88 -10.53
CA PHE A 251 1.89 31.60 -10.20
C PHE A 251 2.60 30.39 -10.90
N HIS A 252 2.89 30.54 -12.20
CA HIS A 252 3.58 29.49 -12.96
C HIS A 252 4.89 29.19 -12.28
N ARG A 253 5.61 30.26 -11.98
CA ARG A 253 6.90 30.16 -11.33
C ARG A 253 6.79 29.47 -9.97
N MET A 254 5.79 29.82 -9.18
CA MET A 254 5.65 29.22 -7.86
C MET A 254 5.26 27.77 -7.92
N THR A 255 4.48 27.44 -8.95
CA THR A 255 4.05 26.08 -9.17
C THR A 255 5.27 25.20 -9.51
N MET A 256 6.14 25.68 -10.39
CA MET A 256 7.40 25.00 -10.69
C MET A 256 8.24 24.76 -9.43
N GLU A 257 8.37 25.80 -8.63
CA GLU A 257 9.10 25.72 -7.39
C GLU A 257 8.49 24.70 -6.45
N ILE A 258 7.18 24.69 -6.34
CA ILE A 258 6.49 23.78 -5.46
C ILE A 258 6.57 22.34 -5.91
N ILE A 259 6.64 22.12 -7.21
CA ILE A 259 6.75 20.81 -7.79
C ILE A 259 8.15 20.27 -7.59
N LEU A 260 9.17 21.10 -7.73
CA LEU A 260 10.52 20.64 -7.50
C LEU A 260 10.67 20.31 -6.03
N LYS A 261 10.10 21.14 -5.17
CA LYS A 261 10.14 20.88 -3.73
C LYS A 261 9.38 19.60 -3.40
N ALA A 262 8.18 19.46 -3.97
CA ALA A 262 7.41 18.22 -3.82
C ALA A 262 8.20 16.98 -4.25
N GLY A 263 8.85 17.04 -5.39
CA GLY A 263 9.66 15.90 -5.83
C GLY A 263 10.76 15.59 -4.83
N ASP A 264 11.29 16.62 -4.20
CA ASP A 264 12.42 16.47 -3.30
C ASP A 264 12.05 15.82 -1.96
N ILE A 265 10.85 16.11 -1.45
CA ILE A 265 10.33 15.43 -0.26
C ILE A 265 9.28 14.33 -0.56
N SER A 266 9.41 13.70 -1.72
CA SER A 266 8.44 12.75 -2.23
C SER A 266 8.65 11.32 -1.73
N ASN A 267 9.74 11.03 -1.02
CA ASN A 267 10.03 9.66 -0.57
C ASN A 267 8.89 9.02 0.24
N VAL A 268 8.17 9.81 1.04
CA VAL A 268 7.07 9.25 1.86
C VAL A 268 5.78 9.04 1.06
N THR A 269 5.73 9.51 -0.19
CA THR A 269 4.60 9.27 -1.07
C THR A 269 4.75 7.97 -1.88
N LYS A 270 5.84 7.22 -1.68
CA LYS A 270 6.08 5.99 -2.46
C LYS A 270 5.61 4.74 -1.74
N PRO A 271 5.47 3.63 -2.51
CA PRO A 271 5.21 2.36 -1.85
C PRO A 271 6.18 2.17 -0.67
N PHE A 272 5.64 1.72 0.48
CA PHE A 272 6.34 1.64 1.75
C PHE A 272 7.77 1.11 1.67
N ASP A 273 8.00 0.07 0.89
CA ASP A 273 9.32 -0.54 0.85
C ASP A 273 10.33 0.38 0.20
N ILE A 274 9.87 1.07 -0.85
CA ILE A 274 10.68 2.09 -1.50
C ILE A 274 10.94 3.24 -0.53
N SER A 275 9.89 3.69 0.13
CA SER A 275 9.98 4.74 1.09
C SER A 275 10.96 4.46 2.20
N ARG A 276 10.93 3.22 2.68
CA ARG A 276 11.82 2.79 3.77
C ARG A 276 13.27 2.81 3.37
N GLN A 277 13.58 2.19 2.24
CA GLN A 277 14.95 2.18 1.68
C GLN A 277 15.54 3.61 1.50
N TRP A 278 14.71 4.55 1.03
CA TRP A 278 15.08 5.96 1.02
C TRP A 278 15.38 6.47 2.43
N ALA A 279 14.51 6.17 3.39
CA ALA A 279 14.75 6.65 4.77
C ALA A 279 16.05 6.08 5.36
N MET A 280 16.46 4.89 4.96
CA MET A 280 17.71 4.30 5.45
C MET A 280 18.92 5.06 4.90
N ALA A 281 18.89 5.36 3.59
CA ALA A 281 19.97 6.06 2.92
C ALA A 281 20.16 7.50 3.47
N VAL A 282 19.07 8.23 3.67
CA VAL A 282 19.11 9.54 4.28
C VAL A 282 19.69 9.50 5.67
N THR A 283 19.28 8.50 6.46
CA THR A 283 19.68 8.40 7.87
C THR A 283 21.19 8.18 7.96
N GLU A 284 21.73 7.28 7.15
CA GLU A 284 23.16 7.07 7.07
C GLU A 284 23.90 8.35 6.69
N GLU A 285 23.36 9.13 5.76
CA GLU A 285 24.01 10.37 5.37
C GLU A 285 24.02 11.37 6.51
N PHE A 286 22.89 11.56 7.17
CA PHE A 286 22.82 12.44 8.33
C PHE A 286 23.81 11.99 9.40
N TYR A 287 23.96 10.67 9.58
CA TYR A 287 24.84 10.14 10.63
C TYR A 287 26.30 10.47 10.35
N ARG A 288 26.73 10.32 9.09
CA ARG A 288 28.08 10.71 8.64
C ARG A 288 28.38 12.19 8.89
N GLN A 289 27.42 13.06 8.56
CA GLN A 289 27.57 14.47 8.91
C GLN A 289 27.73 14.63 10.41
N GLY A 290 26.90 13.96 11.20
CA GLY A 290 27.02 13.98 12.68
C GLY A 290 28.36 13.48 13.21
N ASP A 291 28.96 12.50 12.55
CA ASP A 291 30.31 12.05 12.88
C ASP A 291 31.37 13.09 12.50
N MET A 292 31.25 13.73 11.35
CA MET A 292 32.16 14.84 10.99
C MET A 292 31.98 16.07 11.89
N GLU A 293 30.76 16.32 12.37
CA GLU A 293 30.53 17.42 13.31
C GLU A 293 31.24 17.15 14.65
N LYS A 294 30.99 15.96 15.21
CA LYS A 294 31.73 15.44 16.37
C LYS A 294 33.25 15.64 16.28
N GLU A 295 33.86 15.19 15.18
CA GLU A 295 35.29 15.35 14.97
C GLU A 295 35.79 16.79 14.93
N ARG A 296 34.97 17.71 14.39
CA ARG A 296 35.32 19.13 14.32
C ARG A 296 34.99 19.88 15.59
N GLY A 297 34.38 19.20 16.56
CA GLY A 297 34.03 19.83 17.84
C GLY A 297 32.95 20.88 17.74
N VAL A 298 31.98 20.66 16.85
CA VAL A 298 30.83 21.55 16.73
C VAL A 298 29.56 20.75 17.02
N GLU A 299 28.49 21.48 17.32
CA GLU A 299 27.17 20.96 17.66
C GLU A 299 26.65 19.84 16.75
N VAL A 300 26.11 18.79 17.32
CA VAL A 300 25.51 17.77 16.51
C VAL A 300 24.07 17.80 16.95
N LEU A 301 23.17 17.55 16.02
CA LEU A 301 21.78 17.57 16.35
C LEU A 301 21.39 16.16 16.62
N PRO A 302 20.31 16.00 17.48
CA PRO A 302 19.93 14.62 17.76
C PRO A 302 19.84 13.73 16.55
N MET A 303 19.05 14.14 15.58
CA MET A 303 18.81 13.43 14.34
C MET A 303 20.02 12.93 13.60
N PHE A 304 21.09 13.69 13.71
CA PHE A 304 22.37 13.45 13.03
C PHE A 304 23.31 12.57 13.88
N ASP A 305 22.89 12.29 15.13
CA ASP A 305 23.70 11.57 16.14
C ASP A 305 23.58 10.01 16.10
N ARG A 306 24.61 9.33 15.60
CA ARG A 306 24.63 7.86 15.38
C ARG A 306 24.43 7.05 16.66
N SER A 307 24.91 7.61 17.78
CA SER A 307 24.78 7.00 19.13
C SER A 307 23.35 6.89 19.64
N LYS A 308 22.53 7.93 19.46
CA LYS A 308 21.13 7.93 19.97
C LYS A 308 20.21 6.94 19.23
N ASN A 309 20.60 6.60 17.99
CA ASN A 309 19.96 5.54 17.19
C ASN A 309 18.43 5.64 17.11
N MET A 310 17.91 6.88 17.10
CA MET A 310 16.45 7.14 17.21
C MET A 310 15.74 6.38 16.10
N GLU A 311 14.71 5.60 16.44
CA GLU A 311 14.11 4.63 15.49
C GLU A 311 13.53 5.29 14.23
N LEU A 312 13.96 4.70 13.11
CA LEU A 312 13.45 4.99 11.75
C LEU A 312 11.95 5.31 11.73
N ALA A 313 11.15 4.44 12.34
CA ALA A 313 9.72 4.56 12.34
C ALA A 313 9.15 5.83 12.93
N LYS A 314 9.69 6.22 14.08
CA LYS A 314 9.19 7.47 14.75
C LYS A 314 9.66 8.64 13.92
N GLY A 315 10.87 8.52 13.37
CA GLY A 315 11.39 9.48 12.40
C GLY A 315 10.38 9.72 11.30
N GLN A 316 10.07 8.66 10.56
CA GLN A 316 9.14 8.77 9.45
C GLN A 316 7.78 9.35 9.84
N ILE A 317 7.24 8.95 10.98
CA ILE A 317 5.95 9.44 11.43
C ILE A 317 6.06 10.93 11.71
N GLY A 318 7.14 11.32 12.39
CA GLY A 318 7.39 12.73 12.68
C GLY A 318 7.48 13.59 11.41
N PHE A 319 8.28 13.10 10.45
CA PHE A 319 8.44 13.77 9.15
C PHE A 319 7.10 13.91 8.45
N ILE A 320 6.34 12.81 8.46
CA ILE A 320 5.00 12.81 7.93
C ILE A 320 4.13 13.87 8.62
N ASP A 321 4.15 13.93 9.94
CA ASP A 321 3.19 14.79 10.68
C ASP A 321 3.51 16.26 10.57
N PHE A 322 4.79 16.59 10.73
CA PHE A 322 5.21 18.00 10.78
C PHE A 322 5.61 18.63 9.43
N VAL A 323 6.06 17.83 8.45
CA VAL A 323 6.49 18.33 7.14
C VAL A 323 5.64 17.84 5.97
N ALA A 324 5.71 16.54 5.67
CA ALA A 324 5.09 15.99 4.41
C ALA A 324 3.59 15.99 4.26
N ALA A 325 2.85 15.47 5.24
CA ALA A 325 1.37 15.46 5.18
C ALA A 325 0.77 16.87 5.05
N PRO A 326 1.14 17.82 5.92
CA PRO A 326 0.62 19.19 5.74
C PRO A 326 0.96 19.80 4.39
N PHE A 327 2.18 19.56 3.90
CA PHE A 327 2.63 20.10 2.60
C PHE A 327 1.81 19.57 1.48
N PHE A 328 1.72 18.25 1.40
CA PHE A 328 0.98 17.62 0.32
C PHE A 328 -0.53 17.84 0.38
N GLN A 329 -1.10 17.77 1.56
CA GLN A 329 -2.54 18.06 1.75
C GLN A 329 -2.85 19.47 1.33
N LYS A 330 -2.03 20.44 1.78
CA LYS A 330 -2.29 21.85 1.46
C LYS A 330 -2.16 22.19 -0.02
N ILE A 331 -1.20 21.59 -0.74
CA ILE A 331 -1.08 21.89 -2.20
C ILE A 331 -2.11 21.16 -3.03
N VAL A 332 -2.48 19.96 -2.59
CA VAL A 332 -3.57 19.22 -3.26
C VAL A 332 -4.87 19.97 -3.07
N ASP A 333 -5.18 20.39 -1.84
CA ASP A 333 -6.42 21.17 -1.59
C ASP A 333 -6.44 22.48 -2.33
N ALA A 334 -5.33 23.22 -2.25
CA ALA A 334 -5.24 24.54 -2.85
C ALA A 334 -5.46 24.55 -4.34
N CYS A 335 -4.85 23.63 -5.07
CA CYS A 335 -5.13 23.50 -6.52
C CYS A 335 -4.64 22.24 -7.28
N LEU A 336 -3.82 21.38 -6.69
CA LEU A 336 -3.28 20.21 -7.40
C LEU A 336 -4.06 18.96 -7.06
N GLN A 337 -5.37 19.01 -7.37
CA GLN A 337 -6.32 17.88 -7.10
C GLN A 337 -5.91 16.50 -7.63
N GLY A 338 -5.25 16.45 -8.78
CA GLY A 338 -4.83 15.17 -9.34
C GLY A 338 -3.68 14.51 -8.59
N MET A 339 -3.06 15.20 -7.65
CA MET A 339 -2.00 14.59 -6.84
C MET A 339 -2.53 14.01 -5.53
N GLN A 340 -3.84 13.71 -5.48
CA GLN A 340 -4.49 13.13 -4.27
C GLN A 340 -3.79 11.87 -3.77
N TRP A 341 -3.33 11.04 -4.70
CA TRP A 341 -2.67 9.76 -4.34
C TRP A 341 -1.51 9.93 -3.41
N THR A 342 -0.80 11.05 -3.54
CA THR A 342 0.32 11.31 -2.66
C THR A 342 -0.17 11.40 -1.24
N VAL A 343 -1.26 12.15 -1.00
CA VAL A 343 -1.81 12.26 0.34
C VAL A 343 -2.30 10.89 0.87
N ASP A 344 -2.97 10.12 0.02
CA ASP A 344 -3.39 8.72 0.35
C ASP A 344 -2.21 7.81 0.66
N ARG A 345 -1.17 7.86 -0.14
CA ARG A 345 0.03 7.03 0.16
C ARG A 345 0.78 7.45 1.42
N ILE A 346 0.74 8.73 1.76
CA ILE A 346 1.33 9.20 3.00
C ILE A 346 0.53 8.64 4.15
N LYS A 347 -0.81 8.72 4.09
CA LYS A 347 -1.70 8.11 5.14
C LYS A 347 -1.46 6.62 5.25
N SER A 348 -1.50 5.92 4.13
CA SER A 348 -1.21 4.48 4.13
C SER A 348 0.12 4.24 4.79
N ASN A 349 1.15 5.00 4.45
CA ASN A 349 2.51 4.76 5.02
C ASN A 349 2.64 5.07 6.51
N ARG A 350 1.97 6.13 6.95
CA ARG A 350 1.95 6.49 8.35
C ARG A 350 1.34 5.34 9.15
N ALA A 351 0.14 4.91 8.74
CA ALA A 351 -0.55 3.76 9.35
C ALA A 351 0.31 2.48 9.32
N GLN A 352 0.98 2.20 8.21
CA GLN A 352 1.93 1.08 8.20
C GLN A 352 3.08 1.29 9.21
N TRP A 353 3.55 2.54 9.46
CA TRP A 353 4.60 2.75 10.49
C TRP A 353 4.06 2.55 11.92
N GLU A 354 2.81 2.95 12.16
CA GLU A 354 2.10 2.64 13.39
C GLU A 354 2.00 1.11 13.62
N ARG A 355 1.74 0.31 12.58
CA ARG A 355 1.71 -1.15 12.74
C ARG A 355 3.08 -1.75 13.03
N VAL A 356 4.14 -1.11 12.58
CA VAL A 356 5.49 -1.49 13.04
C VAL A 356 5.66 -1.15 14.54
N LEU A 357 5.02 -0.07 14.99
CA LEU A 357 5.11 0.34 16.40
C LEU A 357 4.26 -0.55 17.30
N GLU A 358 2.97 -0.67 16.94
CA GLU A 358 1.98 -1.51 17.63
C GLU A 358 2.40 -3.00 17.80
N THR A 359 3.23 -3.52 16.89
CA THR A 359 3.74 -4.90 16.95
C THR A 359 5.23 -5.03 17.18
N ARG A 360 5.83 -4.00 17.77
CA ARG A 360 7.27 -4.03 18.09
C ARG A 360 7.60 -4.70 19.45
N ARG B 27 -19.60 -4.23 27.40
CA ARG B 27 -18.97 -2.92 27.31
C ARG B 27 -18.28 -2.66 25.97
N VAL B 28 -18.93 -1.89 25.10
CA VAL B 28 -18.35 -1.57 23.80
C VAL B 28 -18.83 -0.29 23.10
N THR B 29 -19.53 0.62 23.78
CA THR B 29 -20.00 1.83 23.11
C THR B 29 -21.14 1.51 22.16
N ALA B 30 -22.36 1.69 22.62
CA ALA B 30 -23.55 1.35 21.82
C ALA B 30 -23.63 1.85 20.40
N ILE B 31 -24.65 1.32 19.72
CA ILE B 31 -24.93 1.65 18.34
C ILE B 31 -26.04 2.70 18.33
N THR B 32 -25.72 3.85 17.75
CA THR B 32 -26.67 4.96 17.70
C THR B 32 -27.78 4.67 16.69
N LYS B 33 -28.98 5.17 17.01
CA LYS B 33 -30.14 5.25 16.09
C LYS B 33 -29.77 5.68 14.65
N VAL B 34 -28.77 6.57 14.54
CA VAL B 34 -28.32 7.12 13.25
C VAL B 34 -27.68 6.03 12.37
N GLU B 35 -26.71 5.31 12.96
CA GLU B 35 -25.98 4.19 12.31
C GLU B 35 -26.89 3.08 11.78
N ARG B 36 -27.87 2.65 12.58
CA ARG B 36 -28.91 1.71 12.09
C ARG B 36 -29.70 2.21 10.85
N GLU B 37 -30.10 3.47 10.84
CA GLU B 37 -30.85 3.94 9.70
C GLU B 37 -29.99 4.03 8.48
N ALA B 38 -28.72 4.29 8.66
CA ALA B 38 -27.83 4.39 7.52
C ALA B 38 -27.84 3.07 6.80
N VAL B 39 -28.06 2.00 7.56
CA VAL B 39 -28.06 0.70 6.97
C VAL B 39 -29.44 0.30 6.52
N LEU B 40 -30.44 0.62 7.31
CA LEU B 40 -31.80 0.27 6.95
C LEU B 40 -32.19 0.83 5.61
N VAL B 41 -31.60 1.96 5.28
CA VAL B 41 -31.87 2.66 4.03
C VAL B 41 -31.58 1.88 2.76
N CYS B 42 -30.35 1.41 2.61
CA CYS B 42 -29.92 0.70 1.42
C CYS B 42 -30.97 -0.24 0.92
N GLU B 43 -31.23 -0.19 -0.36
CA GLU B 43 -32.28 -1.06 -0.88
C GLU B 43 -31.74 -2.25 -1.61
N LEU B 44 -30.53 -2.14 -2.13
CA LEU B 44 -29.92 -3.27 -2.80
C LEU B 44 -30.86 -3.76 -3.86
N PRO B 45 -31.19 -2.88 -4.78
CA PRO B 45 -32.11 -3.35 -5.81
C PRO B 45 -31.28 -3.96 -6.88
N SER B 46 -31.79 -4.99 -7.52
CA SER B 46 -31.09 -5.71 -8.60
C SER B 46 -30.25 -6.88 -8.10
N PHE B 47 -30.04 -6.94 -6.80
CA PHE B 47 -29.23 -8.01 -6.19
C PHE B 47 -30.04 -9.13 -5.60
N ASP B 48 -29.65 -10.37 -5.91
CA ASP B 48 -30.12 -11.54 -5.15
C ASP B 48 -28.96 -12.08 -4.26
N VAL B 49 -28.97 -11.67 -2.98
CA VAL B 49 -27.94 -12.07 -2.01
C VAL B 49 -27.85 -13.56 -1.75
N THR B 50 -28.91 -14.31 -2.02
CA THR B 50 -28.88 -15.76 -1.86
C THR B 50 -28.28 -16.51 -3.03
N ASP B 51 -27.82 -15.81 -4.06
CA ASP B 51 -27.36 -16.46 -5.28
C ASP B 51 -25.85 -16.78 -5.28
N VAL B 52 -25.46 -17.95 -5.81
CA VAL B 52 -24.04 -18.31 -5.96
C VAL B 52 -23.19 -17.39 -6.86
N GLU B 53 -23.85 -16.62 -7.71
CA GLU B 53 -23.15 -15.71 -8.63
C GLU B 53 -23.25 -14.28 -8.18
N PHE B 54 -23.80 -14.06 -7.00
CA PHE B 54 -23.77 -12.73 -6.40
C PHE B 54 -22.34 -12.19 -6.29
N ASP B 55 -22.23 -10.88 -6.54
CA ASP B 55 -20.97 -10.15 -6.78
C ASP B 55 -20.89 -8.99 -5.81
N LEU B 56 -20.10 -9.21 -4.75
CA LEU B 56 -20.01 -8.24 -3.67
C LEU B 56 -19.19 -7.02 -4.15
N PHE B 57 -18.25 -7.24 -5.06
CA PHE B 57 -17.45 -6.16 -5.64
C PHE B 57 -18.36 -5.16 -6.40
N ARG B 58 -19.29 -5.68 -7.20
CA ARG B 58 -20.30 -4.86 -7.85
C ARG B 58 -21.21 -4.16 -6.84
N ALA B 59 -21.59 -4.83 -5.76
CA ALA B 59 -22.39 -4.20 -4.71
C ALA B 59 -21.68 -3.03 -4.02
N ARG B 60 -20.39 -3.20 -3.74
CA ARG B 60 -19.58 -2.11 -3.17
C ARG B 60 -19.56 -0.90 -4.09
N GLU B 61 -19.21 -1.16 -5.35
CA GLU B 61 -19.08 -0.15 -6.41
C GLU B 61 -20.41 0.54 -6.78
N SER B 62 -21.56 -0.05 -6.42
CA SER B 62 -22.88 0.51 -6.79
C SER B 62 -23.36 1.65 -5.88
N THR B 63 -22.57 2.05 -4.89
CA THR B 63 -22.94 3.15 -3.99
C THR B 63 -21.63 3.79 -3.47
N ASP B 64 -21.75 4.96 -2.85
CA ASP B 64 -20.62 5.70 -2.22
C ASP B 64 -20.54 5.51 -0.69
N LYS B 65 -21.27 4.52 -0.17
CA LYS B 65 -21.20 4.09 1.22
C LYS B 65 -21.20 2.54 1.18
N PRO B 66 -20.09 1.95 0.67
CA PRO B 66 -20.04 0.50 0.57
C PRO B 66 -20.10 -0.23 1.95
N LEU B 67 -19.60 0.39 3.02
CA LEU B 67 -19.74 -0.21 4.36
C LEU B 67 -21.18 -0.40 4.80
N ASP B 68 -22.07 0.51 4.46
CA ASP B 68 -23.50 0.36 4.77
C ASP B 68 -24.22 -0.71 3.90
N VAL B 69 -23.78 -0.83 2.65
CA VAL B 69 -24.29 -1.84 1.73
C VAL B 69 -23.92 -3.22 2.26
N ALA B 70 -22.65 -3.38 2.65
CA ALA B 70 -22.16 -4.65 3.16
C ALA B 70 -22.96 -5.06 4.40
N ALA B 71 -23.18 -4.11 5.29
CA ALA B 71 -24.01 -4.38 6.45
C ALA B 71 -25.43 -4.80 6.09
N ALA B 72 -26.01 -4.20 5.07
CA ALA B 72 -27.38 -4.59 4.69
C ALA B 72 -27.42 -5.97 4.06
N ILE B 73 -26.34 -6.35 3.39
CA ILE B 73 -26.25 -7.69 2.81
C ILE B 73 -26.26 -8.72 3.94
N ALA B 74 -25.37 -8.53 4.91
CA ALA B 74 -25.36 -9.33 6.15
C ALA B 74 -26.74 -9.42 6.81
N TYR B 75 -27.33 -8.26 7.07
CA TYR B 75 -28.69 -8.13 7.66
C TYR B 75 -29.78 -8.91 6.92
N ARG B 76 -29.84 -8.75 5.61
CA ARG B 76 -30.88 -9.38 4.82
C ARG B 76 -30.64 -10.87 4.69
N LEU B 77 -29.37 -11.29 4.67
CA LEU B 77 -29.08 -12.71 4.68
C LEU B 77 -29.64 -13.30 5.94
N LEU B 78 -29.33 -12.66 7.07
CA LEU B 78 -29.75 -13.20 8.34
C LEU B 78 -31.26 -13.24 8.51
N LEU B 79 -31.96 -12.16 8.14
CA LEU B 79 -33.44 -12.15 8.17
C LEU B 79 -34.09 -13.13 7.20
N GLY B 80 -33.65 -13.14 5.94
CA GLY B 80 -34.23 -14.07 4.97
C GLY B 80 -34.13 -15.54 5.36
N SER B 81 -33.13 -15.88 6.18
CA SER B 81 -32.95 -17.25 6.67
C SER B 81 -34.09 -17.70 7.59
N GLY B 82 -34.75 -16.75 8.24
CA GLY B 82 -35.78 -17.03 9.23
C GLY B 82 -35.23 -17.38 10.61
N LEU B 83 -33.91 -17.39 10.78
CA LEU B 83 -33.29 -17.98 11.96
C LEU B 83 -33.26 -17.07 13.20
N PRO B 84 -32.77 -15.83 13.07
CA PRO B 84 -32.74 -14.96 14.28
C PRO B 84 -34.06 -14.85 15.04
N GLN B 85 -35.16 -14.70 14.31
CA GLN B 85 -36.51 -14.57 14.88
C GLN B 85 -36.82 -15.82 15.68
N LYS B 86 -36.49 -16.99 15.13
CA LYS B 86 -36.74 -18.27 15.83
C LYS B 86 -36.02 -18.39 17.14
N PHE B 87 -34.90 -17.70 17.31
CA PHE B 87 -34.07 -17.84 18.51
C PHE B 87 -34.10 -16.62 19.42
N GLY B 88 -35.18 -15.84 19.32
CA GLY B 88 -35.36 -14.64 20.14
C GLY B 88 -34.36 -13.50 19.95
N CYS B 89 -33.83 -13.36 18.74
CA CYS B 89 -32.98 -12.23 18.39
C CYS B 89 -33.82 -11.28 17.55
N SER B 90 -34.13 -10.11 18.12
CA SER B 90 -34.88 -9.06 17.42
C SER B 90 -34.07 -8.49 16.27
N ASP B 91 -34.79 -7.93 15.31
CA ASP B 91 -34.19 -7.17 14.22
C ASP B 91 -33.15 -6.12 14.73
N GLU B 92 -33.47 -5.41 15.80
CA GLU B 92 -32.60 -4.34 16.28
C GLU B 92 -31.30 -4.90 16.87
N VAL B 93 -31.36 -5.97 17.64
CA VAL B 93 -30.16 -6.58 18.24
C VAL B 93 -29.24 -7.14 17.14
N LEU B 94 -29.85 -7.78 16.14
CA LEU B 94 -29.13 -8.34 15.00
C LEU B 94 -28.31 -7.30 14.33
N LEU B 95 -28.95 -6.17 14.03
CA LEU B 95 -28.27 -5.08 13.34
C LEU B 95 -27.20 -4.46 14.21
N ASN B 96 -27.43 -4.42 15.52
CA ASN B 96 -26.41 -3.91 16.44
C ASN B 96 -25.15 -4.75 16.39
N PHE B 97 -25.35 -6.06 16.42
CA PHE B 97 -24.24 -7.01 16.38
C PHE B 97 -23.46 -6.83 15.10
N ILE B 98 -24.16 -6.72 13.99
CA ILE B 98 -23.51 -6.57 12.70
C ILE B 98 -22.64 -5.33 12.73
N LEU B 99 -23.20 -4.23 13.23
CA LEU B 99 -22.44 -2.95 13.30
C LEU B 99 -21.32 -2.96 14.32
N GLN B 100 -21.49 -3.68 15.43
CA GLN B 100 -20.36 -3.89 16.34
C GLN B 100 -19.22 -4.70 15.70
N CYS B 101 -19.55 -5.71 14.89
CA CYS B 101 -18.51 -6.46 14.17
C CYS B 101 -17.77 -5.53 13.22
N ARG B 102 -18.55 -4.80 12.42
CA ARG B 102 -17.99 -3.83 11.45
C ARG B 102 -16.95 -2.91 12.08
N LYS B 103 -17.33 -2.27 13.17
CA LYS B 103 -16.43 -1.36 13.88
C LYS B 103 -15.06 -1.96 14.22
N LYS B 104 -14.98 -3.28 14.43
CA LYS B 104 -13.74 -3.94 14.76
C LYS B 104 -12.94 -4.48 13.57
N TYR B 105 -13.42 -4.26 12.32
CA TYR B 105 -12.62 -4.65 11.17
C TYR B 105 -11.80 -3.48 10.74
N ARG B 106 -10.57 -3.76 10.36
CA ARG B 106 -9.66 -2.72 9.97
C ARG B 106 -9.71 -2.46 8.46
N ASN B 107 -8.89 -1.50 8.08
CA ASN B 107 -8.83 -1.03 6.74
C ASN B 107 -7.63 -1.69 6.07
N VAL B 108 -7.68 -3.01 5.93
CA VAL B 108 -6.62 -3.74 5.26
C VAL B 108 -7.16 -4.23 3.91
N PRO B 109 -6.29 -4.77 3.08
CA PRO B 109 -6.78 -5.06 1.72
C PRO B 109 -7.77 -6.24 1.59
N TYR B 110 -7.47 -7.34 2.28
CA TYR B 110 -8.26 -8.59 2.18
C TYR B 110 -9.09 -8.88 3.44
N HIS B 111 -8.42 -9.03 4.58
CA HIS B 111 -9.10 -9.41 5.83
C HIS B 111 -9.86 -8.27 6.53
N ASN B 112 -10.84 -7.72 5.83
CA ASN B 112 -11.67 -6.59 6.26
C ASN B 112 -13.10 -7.03 6.32
N PHE B 113 -14.03 -6.10 6.54
CA PHE B 113 -15.44 -6.45 6.71
C PHE B 113 -16.06 -7.08 5.47
N TYR B 114 -15.58 -6.69 4.30
CA TYR B 114 -16.05 -7.24 3.03
C TYR B 114 -15.73 -8.75 2.96
N HIS B 115 -14.54 -9.13 3.39
CA HIS B 115 -14.22 -10.55 3.42
C HIS B 115 -15.23 -11.36 4.27
N VAL B 116 -15.61 -10.85 5.44
CA VAL B 116 -16.44 -11.66 6.31
C VAL B 116 -17.87 -11.64 5.88
N VAL B 117 -18.34 -10.55 5.28
CA VAL B 117 -19.69 -10.53 4.68
C VAL B 117 -19.71 -11.50 3.51
N ASP B 118 -18.64 -11.54 2.71
CA ASP B 118 -18.50 -12.55 1.66
C ASP B 118 -18.64 -13.97 2.23
N VAL B 119 -17.93 -14.24 3.33
CA VAL B 119 -17.95 -15.60 3.92
C VAL B 119 -19.33 -15.97 4.41
N CYS B 120 -19.99 -15.02 5.06
CA CYS B 120 -21.40 -15.13 5.46
C CYS B 120 -22.32 -15.47 4.27
N GLN B 121 -22.18 -14.68 3.20
CA GLN B 121 -22.97 -14.92 2.01
C GLN B 121 -22.68 -16.26 1.39
N THR B 122 -21.42 -16.63 1.33
CA THR B 122 -21.02 -17.91 0.70
C THR B 122 -21.54 -19.08 1.49
N ILE B 123 -21.38 -19.04 2.82
CA ILE B 123 -21.89 -20.09 3.68
C ILE B 123 -23.41 -20.21 3.52
N HIS B 124 -24.11 -19.08 3.43
CA HIS B 124 -25.55 -19.12 3.13
C HIS B 124 -25.81 -19.97 1.88
N THR B 125 -25.07 -19.71 0.81
CA THR B 125 -25.23 -20.52 -0.40
C THR B 125 -24.86 -22.01 -0.18
N PHE B 126 -23.79 -22.32 0.55
CA PHE B 126 -23.51 -23.75 0.82
C PHE B 126 -24.63 -24.38 1.63
N LEU B 127 -25.23 -23.63 2.54
CA LEU B 127 -26.31 -24.18 3.35
C LEU B 127 -27.57 -24.42 2.53
N TYR B 128 -27.99 -23.44 1.78
CA TYR B 128 -29.31 -23.42 1.21
C TYR B 128 -29.39 -23.84 -0.28
N ARG B 129 -28.37 -23.53 -1.07
CA ARG B 129 -28.23 -24.05 -2.45
C ARG B 129 -27.43 -25.31 -2.56
N GLY B 130 -26.49 -25.55 -1.64
CA GLY B 130 -25.80 -26.83 -1.59
C GLY B 130 -26.47 -27.83 -0.67
N ASN B 131 -27.57 -27.44 -0.04
CA ASN B 131 -28.36 -28.32 0.84
C ASN B 131 -27.61 -28.87 2.04
N VAL B 132 -26.58 -28.16 2.48
CA VAL B 132 -25.85 -28.58 3.68
C VAL B 132 -26.68 -28.32 4.96
N TYR B 133 -27.66 -27.42 4.89
CA TYR B 133 -28.65 -27.30 5.97
C TYR B 133 -29.27 -28.66 6.39
N GLU B 134 -29.40 -29.62 5.48
CA GLU B 134 -30.04 -30.91 5.84
C GLU B 134 -29.24 -31.65 6.87
N LYS B 135 -27.94 -31.36 6.92
CA LYS B 135 -27.04 -32.02 7.87
C LYS B 135 -26.97 -31.39 9.29
N LEU B 136 -27.62 -30.24 9.51
CA LEU B 136 -27.50 -29.45 10.75
C LEU B 136 -28.83 -29.02 11.37
N THR B 137 -28.82 -28.71 12.64
CA THR B 137 -29.99 -28.12 13.26
C THR B 137 -30.13 -26.66 12.77
N GLU B 138 -31.29 -26.07 13.03
CA GLU B 138 -31.48 -24.64 12.78
C GLU B 138 -30.53 -23.76 13.60
N LEU B 139 -30.30 -24.14 14.88
CA LEU B 139 -29.39 -23.42 15.74
C LEU B 139 -27.98 -23.40 15.15
N GLU B 140 -27.50 -24.56 14.71
CA GLU B 140 -26.17 -24.67 14.06
C GLU B 140 -26.05 -23.84 12.80
N CYS B 141 -27.09 -23.77 11.97
CA CYS B 141 -27.06 -22.86 10.78
C CYS B 141 -26.98 -21.36 11.15
N PHE B 142 -27.71 -20.97 12.20
CA PHE B 142 -27.72 -19.59 12.71
C PHE B 142 -26.34 -19.24 13.29
N VAL B 143 -25.78 -20.16 14.07
CA VAL B 143 -24.42 -19.96 14.61
C VAL B 143 -23.40 -19.80 13.49
N LEU B 144 -23.51 -20.59 12.42
CA LEU B 144 -22.53 -20.44 11.34
C LEU B 144 -22.61 -19.11 10.69
N LEU B 145 -23.81 -18.65 10.40
CA LEU B 145 -23.97 -17.34 9.72
C LEU B 145 -23.46 -16.19 10.59
N ILE B 146 -23.71 -16.26 11.89
CA ILE B 146 -23.16 -15.31 12.84
C ILE B 146 -21.65 -15.41 12.96
N THR B 147 -21.14 -16.63 13.09
CA THR B 147 -19.70 -16.84 13.21
C THR B 147 -18.95 -16.31 12.02
N ALA B 148 -19.51 -16.44 10.82
CA ALA B 148 -18.86 -15.87 9.64
C ALA B 148 -18.44 -14.42 9.88
N LEU B 149 -19.27 -13.65 10.57
CA LEU B 149 -19.03 -12.23 10.75
C LEU B 149 -18.00 -11.90 11.83
N VAL B 150 -17.74 -12.82 12.75
CA VAL B 150 -16.75 -12.58 13.82
C VAL B 150 -15.40 -13.20 13.57
N HIS B 151 -15.25 -13.99 12.50
CA HIS B 151 -14.14 -14.96 12.48
C HIS B 151 -12.78 -14.39 12.15
N ASP B 152 -12.76 -13.11 11.74
CA ASP B 152 -11.52 -12.37 11.51
C ASP B 152 -11.41 -11.03 12.24
N LEU B 153 -12.22 -10.82 13.28
CA LEU B 153 -12.26 -9.52 13.97
C LEU B 153 -10.88 -8.97 14.29
N ASP B 154 -10.64 -7.72 13.89
CA ASP B 154 -9.41 -6.97 14.17
C ASP B 154 -8.14 -7.60 13.54
N HIS B 155 -8.29 -8.24 12.38
CA HIS B 155 -7.15 -8.69 11.56
C HIS B 155 -6.39 -7.44 11.11
N MET B 156 -5.05 -7.46 11.18
CA MET B 156 -4.21 -6.32 10.82
C MET B 156 -3.51 -6.53 9.48
N GLY B 157 -3.75 -7.67 8.88
CA GLY B 157 -3.24 -8.02 7.60
C GLY B 157 -1.99 -8.84 7.70
N LEU B 158 -1.72 -9.39 8.88
CA LEU B 158 -0.51 -10.20 9.11
C LEU B 158 -0.90 -11.57 9.61
N ASN B 159 -0.19 -12.60 9.13
CA ASN B 159 -0.54 -13.97 9.51
C ASN B 159 0.07 -14.36 10.87
N ASN B 160 -0.30 -15.54 11.36
CA ASN B 160 0.21 -16.06 12.64
C ASN B 160 1.74 -16.11 12.65
N SER B 161 2.29 -16.55 11.53
CA SER B 161 3.74 -16.66 11.37
C SER B 161 4.47 -15.34 11.64
N PHE B 162 3.93 -14.23 11.16
CA PHE B 162 4.58 -12.94 11.37
C PHE B 162 4.79 -12.71 12.87
N TYR B 163 3.71 -12.84 13.64
CA TYR B 163 3.69 -12.59 15.06
C TYR B 163 4.67 -13.51 15.84
N LEU B 164 4.80 -14.77 15.43
CA LEU B 164 5.65 -15.71 16.12
C LEU B 164 7.14 -15.49 15.84
N LYS B 165 7.50 -15.32 14.57
CA LYS B 165 8.91 -15.26 14.21
C LYS B 165 9.48 -13.87 14.42
N THR B 166 8.65 -12.82 14.48
CA THR B 166 9.11 -11.50 14.95
C THR B 166 9.16 -11.34 16.51
N GLU B 167 8.82 -12.38 17.29
CA GLU B 167 8.65 -12.24 18.74
C GLU B 167 7.90 -10.95 19.11
N SER B 168 6.78 -10.72 18.45
CA SER B 168 5.81 -9.66 18.75
C SER B 168 5.07 -9.95 20.06
N PRO B 169 4.50 -8.91 20.73
CA PRO B 169 3.78 -9.20 22.00
C PRO B 169 2.73 -10.28 21.95
N LEU B 170 1.81 -10.24 20.99
CA LEU B 170 0.84 -11.38 20.84
C LEU B 170 1.47 -12.73 20.49
N GLY B 171 2.52 -12.70 19.71
CA GLY B 171 3.31 -13.91 19.46
C GLY B 171 3.83 -14.49 20.74
N ILE B 172 4.39 -13.61 21.58
CA ILE B 172 5.02 -14.00 22.85
C ILE B 172 3.94 -14.57 23.79
N LEU B 173 2.81 -13.86 23.86
CA LEU B 173 1.71 -14.33 24.70
C LEU B 173 1.16 -15.69 24.26
N SER B 174 1.07 -15.91 22.96
CA SER B 174 0.63 -17.21 22.43
C SER B 174 1.66 -18.31 22.72
N SER B 175 2.94 -18.03 22.51
CA SER B 175 3.98 -19.03 22.82
C SER B 175 3.93 -19.38 24.30
N ALA B 176 3.88 -18.36 25.15
CA ALA B 176 3.88 -18.57 26.59
C ALA B 176 2.67 -19.41 27.05
N SER B 177 1.49 -19.17 26.48
CA SER B 177 0.29 -19.93 26.86
C SER B 177 0.09 -21.26 26.12
N GLY B 178 1.03 -21.68 25.30
CA GLY B 178 0.94 -22.91 24.54
C GLY B 178 -0.10 -22.95 23.43
N ASN B 179 -0.13 -21.92 22.60
CA ASN B 179 -1.11 -21.82 21.56
C ASN B 179 -0.49 -21.15 20.35
N THR B 180 -0.61 -21.77 19.20
CA THR B 180 -0.03 -21.18 18.01
C THR B 180 -1.04 -20.41 17.20
N SER B 181 -2.31 -20.59 17.50
CA SER B 181 -3.33 -19.88 16.78
C SER B 181 -3.46 -18.50 17.34
N VAL B 182 -2.42 -17.71 17.16
CA VAL B 182 -2.37 -16.37 17.66
C VAL B 182 -3.59 -15.56 17.33
N LEU B 183 -3.88 -15.45 16.06
CA LEU B 183 -4.98 -14.66 15.59
C LEU B 183 -6.36 -15.18 15.94
N GLU B 184 -6.55 -16.47 15.83
CA GLU B 184 -7.90 -17.07 16.00
C GLU B 184 -8.39 -16.91 17.44
N VAL B 185 -7.45 -17.00 18.39
CA VAL B 185 -7.75 -16.73 19.80
C VAL B 185 -8.17 -15.29 19.99
N HIS B 186 -7.44 -14.38 19.36
CA HIS B 186 -7.77 -12.96 19.43
C HIS B 186 -9.17 -12.71 18.82
N HIS B 187 -9.47 -13.35 17.68
CA HIS B 187 -10.82 -13.20 17.09
C HIS B 187 -11.89 -13.67 18.07
N CYS B 188 -11.70 -14.84 18.68
CA CYS B 188 -12.74 -15.31 19.67
C CYS B 188 -12.93 -14.36 20.85
N ASN B 189 -11.82 -13.86 21.42
CA ASN B 189 -11.88 -12.83 22.51
C ASN B 189 -12.76 -11.64 22.18
N LEU B 190 -12.60 -11.09 20.98
CA LEU B 190 -13.41 -9.94 20.55
C LEU B 190 -14.85 -10.31 20.28
N ALA B 191 -15.06 -11.56 19.85
CA ALA B 191 -16.40 -12.05 19.62
C ALA B 191 -17.13 -12.12 20.94
N VAL B 192 -16.48 -12.72 21.94
CA VAL B 192 -17.06 -12.77 23.28
C VAL B 192 -17.35 -11.34 23.83
N GLU B 193 -16.47 -10.36 23.61
CA GLU B 193 -16.76 -8.98 24.06
C GLU B 193 -18.04 -8.42 23.46
N ILE B 194 -18.20 -8.56 22.14
CA ILE B 194 -19.40 -8.06 21.50
C ILE B 194 -20.65 -8.73 22.09
N LEU B 195 -20.58 -10.03 22.35
CA LEU B 195 -21.75 -10.78 22.80
C LEU B 195 -22.12 -10.53 24.28
N SER B 196 -21.16 -10.07 25.08
CA SER B 196 -21.39 -9.79 26.50
C SER B 196 -22.26 -8.54 26.75
N ASP B 197 -22.39 -7.67 25.75
CA ASP B 197 -23.36 -6.57 25.78
C ASP B 197 -24.74 -7.06 25.28
N PRO B 198 -25.79 -7.02 26.13
CA PRO B 198 -27.12 -7.55 25.73
C PRO B 198 -27.74 -6.93 24.48
N GLU B 199 -27.39 -5.68 24.21
CA GLU B 199 -27.86 -4.93 23.05
C GLU B 199 -27.25 -5.41 21.72
N SER B 200 -26.15 -6.16 21.79
CA SER B 200 -25.59 -6.85 20.62
C SER B 200 -25.46 -8.39 20.79
N ASP B 201 -26.14 -9.00 21.77
CA ASP B 201 -26.01 -10.45 22.01
C ASP B 201 -27.10 -11.16 21.23
N VAL B 202 -26.73 -11.55 20.01
CA VAL B 202 -27.62 -12.35 19.15
C VAL B 202 -27.90 -13.74 19.74
N PHE B 203 -27.16 -14.19 20.78
CA PHE B 203 -27.53 -15.44 21.48
C PHE B 203 -28.30 -15.24 22.80
N ASP B 204 -28.76 -14.03 23.09
CA ASP B 204 -29.40 -13.76 24.39
C ASP B 204 -30.70 -14.54 24.62
N GLY B 205 -31.46 -14.78 23.55
CA GLY B 205 -32.67 -15.58 23.63
C GLY B 205 -32.48 -17.08 23.76
N LEU B 206 -31.25 -17.54 23.90
CA LEU B 206 -30.99 -18.94 24.15
C LEU B 206 -30.73 -19.13 25.64
N GLU B 207 -30.80 -20.38 26.06
CA GLU B 207 -30.69 -20.78 27.43
C GLU B 207 -30.04 -22.16 27.51
N GLY B 208 -29.47 -22.47 28.66
CA GLY B 208 -29.05 -23.81 28.95
C GLY B 208 -28.05 -24.33 27.94
N ALA B 209 -28.22 -25.59 27.55
CA ALA B 209 -27.31 -26.27 26.63
C ALA B 209 -27.34 -25.64 25.23
N GLU B 210 -28.40 -24.93 24.86
CA GLU B 210 -28.41 -24.25 23.55
C GLU B 210 -27.46 -23.07 23.50
N ARG B 211 -27.46 -22.25 24.57
CA ARG B 211 -26.55 -21.11 24.68
C ARG B 211 -25.10 -21.56 24.75
N THR B 212 -24.89 -22.58 25.54
CA THR B 212 -23.58 -23.19 25.63
C THR B 212 -23.11 -23.68 24.29
N LEU B 213 -23.98 -24.38 23.55
CA LEU B 213 -23.61 -24.95 22.26
C LEU B 213 -23.26 -23.85 21.26
N ALA B 214 -24.01 -22.77 21.28
CA ALA B 214 -23.75 -21.65 20.42
C ALA B 214 -22.38 -21.09 20.64
N PHE B 215 -21.99 -20.89 21.88
CA PHE B 215 -20.69 -20.33 22.16
C PHE B 215 -19.56 -21.30 21.88
N ARG B 216 -19.73 -22.55 22.24
CA ARG B 216 -18.72 -23.53 22.05
C ARG B 216 -18.51 -23.86 20.61
N SER B 217 -19.58 -23.90 19.84
CA SER B 217 -19.46 -24.19 18.43
C SER B 217 -18.90 -22.97 17.70
N MET B 218 -19.33 -21.77 18.02
CA MET B 218 -18.75 -20.55 17.40
C MET B 218 -17.24 -20.51 17.59
N ILE B 219 -16.81 -20.73 18.83
CA ILE B 219 -15.37 -20.73 19.17
C ILE B 219 -14.65 -21.89 18.47
N ASP B 220 -15.21 -23.10 18.46
CA ASP B 220 -14.57 -24.25 17.77
C ASP B 220 -14.39 -23.96 16.30
N CYS B 221 -15.41 -23.36 15.65
CA CYS B 221 -15.28 -23.05 14.24
C CYS B 221 -14.19 -22.01 13.98
N VAL B 222 -14.13 -20.97 14.77
CA VAL B 222 -13.14 -19.92 14.53
C VAL B 222 -11.75 -20.44 14.73
N LEU B 223 -11.54 -21.23 15.78
CA LEU B 223 -10.21 -21.90 16.00
C LEU B 223 -9.86 -22.79 14.85
N ALA B 224 -10.85 -23.40 14.21
CA ALA B 224 -10.62 -24.30 13.08
C ALA B 224 -10.21 -23.67 11.78
N THR B 225 -10.34 -22.35 11.66
CA THR B 225 -9.92 -21.63 10.47
C THR B 225 -8.42 -21.41 10.41
N ASP B 226 -7.69 -21.73 11.50
CA ASP B 226 -6.24 -21.69 11.47
C ASP B 226 -5.76 -22.70 10.42
N MET B 227 -5.13 -22.19 9.38
CA MET B 227 -4.65 -23.03 8.28
C MET B 227 -3.58 -24.06 8.63
N ALA B 228 -2.88 -23.86 9.74
CA ALA B 228 -1.98 -24.89 10.27
C ALA B 228 -2.77 -26.15 10.70
N LYS B 229 -4.05 -26.02 11.00
CA LYS B 229 -4.90 -27.16 11.38
C LYS B 229 -5.70 -27.73 10.20
N HIS B 230 -5.39 -27.28 8.98
CA HIS B 230 -6.14 -27.64 7.81
C HIS B 230 -6.29 -29.15 7.60
N GLY B 231 -5.16 -29.85 7.51
CA GLY B 231 -5.17 -31.28 7.22
C GLY B 231 -5.94 -32.06 8.26
N SER B 232 -5.68 -31.77 9.53
CA SER B 232 -6.27 -32.58 10.57
C SER B 232 -7.78 -32.35 10.70
N ALA B 233 -8.22 -31.10 10.50
CA ALA B 233 -9.66 -30.80 10.51
C ALA B 233 -10.36 -31.49 9.33
N LEU B 234 -9.75 -31.44 8.16
CA LEU B 234 -10.23 -32.19 7.00
C LEU B 234 -10.28 -33.69 7.25
N GLU B 235 -9.22 -34.28 7.82
CA GLU B 235 -9.22 -35.71 8.07
C GLU B 235 -10.31 -36.09 9.11
N ALA B 236 -10.41 -35.33 10.18
CA ALA B 236 -11.46 -35.58 11.17
C ALA B 236 -12.86 -35.48 10.58
N PHE B 237 -13.12 -34.49 9.72
CA PHE B 237 -14.40 -34.44 9.03
C PHE B 237 -14.68 -35.69 8.20
N LEU B 238 -13.71 -36.12 7.39
CA LEU B 238 -13.89 -37.26 6.49
C LEU B 238 -14.13 -38.52 7.33
N ALA B 239 -13.42 -38.65 8.44
CA ALA B 239 -13.63 -39.78 9.35
C ALA B 239 -15.01 -39.75 10.03
N SER B 240 -15.46 -38.59 10.51
CA SER B 240 -16.82 -38.50 11.07
C SER B 240 -17.93 -38.72 10.00
N ALA B 241 -17.70 -38.32 8.74
CA ALA B 241 -18.66 -38.53 7.65
C ALA B 241 -18.78 -39.99 7.24
N ALA B 242 -17.66 -40.70 7.29
CA ALA B 242 -17.62 -42.11 6.91
C ALA B 242 -18.32 -43.01 7.94
N ASP B 243 -18.58 -42.48 9.13
CA ASP B 243 -19.45 -43.13 10.12
C ASP B 243 -20.21 -42.07 10.95
N GLN B 244 -21.28 -41.52 10.35
CA GLN B 244 -22.10 -40.47 10.97
C GLN B 244 -22.84 -40.91 12.23
N SER B 245 -23.04 -42.21 12.41
CA SER B 245 -23.68 -42.76 13.61
C SER B 245 -22.67 -43.32 14.62
N SER B 246 -21.37 -43.17 14.34
CA SER B 246 -20.37 -43.44 15.36
C SER B 246 -20.74 -42.40 16.42
N ASP B 247 -21.00 -41.15 15.97
CA ASP B 247 -21.05 -40.02 16.85
C ASP B 247 -21.64 -38.81 16.10
N GLU B 248 -22.93 -38.60 16.33
CA GLU B 248 -23.70 -37.64 15.59
C GLU B 248 -23.27 -36.22 15.97
N ALA B 249 -23.07 -35.98 17.25
CA ALA B 249 -22.62 -34.67 17.78
C ALA B 249 -21.27 -34.29 17.15
N ALA B 250 -20.38 -35.26 17.05
CA ALA B 250 -19.09 -35.01 16.44
C ALA B 250 -19.21 -34.62 14.96
N PHE B 251 -20.03 -35.35 14.23
CA PHE B 251 -20.27 -35.08 12.83
C PHE B 251 -20.89 -33.67 12.61
N HIS B 252 -21.89 -33.32 13.40
CA HIS B 252 -22.46 -31.95 13.35
C HIS B 252 -21.38 -30.86 13.55
N ARG B 253 -20.60 -31.01 14.62
CA ARG B 253 -19.56 -30.07 14.92
C ARG B 253 -18.53 -30.00 13.79
N MET B 254 -18.15 -31.15 13.24
CA MET B 254 -17.10 -31.15 12.25
C MET B 254 -17.59 -30.56 10.93
N THR B 255 -18.87 -30.78 10.64
CA THR B 255 -19.52 -30.22 9.47
C THR B 255 -19.54 -28.70 9.58
N MET B 256 -19.88 -28.16 10.77
CA MET B 256 -19.80 -26.69 10.98
C MET B 256 -18.39 -26.12 10.72
N GLU B 257 -17.39 -26.78 11.28
CA GLU B 257 -16.03 -26.38 11.11
C GLU B 257 -15.65 -26.40 9.66
N ILE B 258 -16.03 -27.46 8.98
CA ILE B 258 -15.74 -27.66 7.59
C ILE B 258 -16.43 -26.60 6.74
N ILE B 259 -17.65 -26.23 7.08
CA ILE B 259 -18.36 -25.22 6.32
C ILE B 259 -17.69 -23.87 6.48
N LEU B 260 -17.29 -23.50 7.69
CA LEU B 260 -16.61 -22.24 7.90
C LEU B 260 -15.32 -22.23 7.15
N LYS B 261 -14.56 -23.34 7.23
CA LYS B 261 -13.31 -23.45 6.49
C LYS B 261 -13.52 -23.32 5.01
N ALA B 262 -14.51 -24.06 4.51
CA ALA B 262 -14.90 -23.94 3.08
C ALA B 262 -15.25 -22.50 2.66
N GLY B 263 -16.04 -21.80 3.46
CA GLY B 263 -16.36 -20.40 3.16
C GLY B 263 -15.10 -19.56 3.09
N ASP B 264 -14.11 -19.90 3.90
CA ASP B 264 -12.93 -19.06 4.03
C ASP B 264 -12.01 -19.21 2.86
N ILE B 265 -11.93 -20.42 2.33
CA ILE B 265 -11.14 -20.65 1.11
C ILE B 265 -11.99 -20.74 -0.14
N SER B 266 -13.13 -19.99 -0.16
CA SER B 266 -14.15 -20.09 -1.21
C SER B 266 -13.92 -19.16 -2.38
N ASN B 267 -12.93 -18.28 -2.31
CA ASN B 267 -12.68 -17.35 -3.43
C ASN B 267 -12.48 -18.03 -4.80
N VAL B 268 -11.84 -19.22 -4.81
CA VAL B 268 -11.54 -19.86 -6.07
C VAL B 268 -12.76 -20.57 -6.63
N THR B 269 -13.84 -20.67 -5.85
CA THR B 269 -15.09 -21.28 -6.32
C THR B 269 -16.04 -20.27 -7.00
N LYS B 270 -15.63 -19.00 -7.08
CA LYS B 270 -16.52 -17.96 -7.59
C LYS B 270 -16.31 -17.69 -9.10
N PRO B 271 -17.31 -17.04 -9.76
CA PRO B 271 -17.09 -16.60 -11.12
C PRO B 271 -15.75 -15.88 -11.27
N PHE B 272 -14.99 -16.27 -12.31
CA PHE B 272 -13.58 -15.90 -12.49
C PHE B 272 -13.24 -14.46 -12.17
N ASP B 273 -14.10 -13.54 -12.59
CA ASP B 273 -13.81 -12.13 -12.40
C ASP B 273 -13.86 -11.71 -10.93
N ILE B 274 -14.81 -12.29 -10.22
CA ILE B 274 -14.88 -12.14 -8.78
C ILE B 274 -13.63 -12.78 -8.14
N SER B 275 -13.33 -14.00 -8.54
CA SER B 275 -12.23 -14.73 -7.96
C SER B 275 -10.93 -13.96 -8.09
N ARG B 276 -10.75 -13.33 -9.25
CA ARG B 276 -9.51 -12.61 -9.60
C ARG B 276 -9.34 -11.41 -8.71
N GLN B 277 -10.41 -10.63 -8.60
CA GLN B 277 -10.42 -9.49 -7.72
C GLN B 277 -10.07 -9.81 -6.25
N TRP B 278 -10.64 -10.89 -5.73
CA TRP B 278 -10.22 -11.43 -4.44
C TRP B 278 -8.69 -11.77 -4.43
N ALA B 279 -8.18 -12.44 -5.46
CA ALA B 279 -6.76 -12.80 -5.46
C ALA B 279 -5.84 -11.54 -5.50
N MET B 280 -6.32 -10.44 -6.09
CA MET B 280 -5.56 -9.22 -6.11
C MET B 280 -5.42 -8.64 -4.70
N ALA B 281 -6.55 -8.62 -3.99
CA ALA B 281 -6.58 -8.07 -2.65
C ALA B 281 -5.68 -8.87 -1.69
N VAL B 282 -5.78 -10.21 -1.76
CA VAL B 282 -4.92 -11.06 -0.90
C VAL B 282 -3.43 -10.91 -1.21
N THR B 283 -3.09 -10.72 -2.47
CA THR B 283 -1.72 -10.55 -2.87
C THR B 283 -1.12 -9.26 -2.31
N GLU B 284 -1.85 -8.16 -2.42
CA GLU B 284 -1.46 -6.90 -1.81
C GLU B 284 -1.25 -7.07 -0.30
N GLU B 285 -2.11 -7.81 0.37
CA GLU B 285 -1.97 -8.02 1.82
C GLU B 285 -0.71 -8.84 2.15
N PHE B 286 -0.45 -9.89 1.40
CA PHE B 286 0.80 -10.66 1.56
C PHE B 286 2.01 -9.78 1.32
N TYR B 287 1.94 -8.88 0.31
CA TYR B 287 3.07 -8.02 -0.02
C TYR B 287 3.42 -7.05 1.11
N ARG B 288 2.40 -6.44 1.73
CA ARG B 288 2.56 -5.60 2.90
C ARG B 288 3.24 -6.35 4.07
N GLN B 289 2.78 -7.57 4.37
CA GLN B 289 3.45 -8.38 5.36
C GLN B 289 4.92 -8.59 4.99
N GLY B 290 5.19 -8.92 3.73
CA GLY B 290 6.57 -9.04 3.23
C GLY B 290 7.40 -7.75 3.39
N ASP B 291 6.78 -6.59 3.23
CA ASP B 291 7.45 -5.32 3.48
C ASP B 291 7.75 -5.14 4.96
N MET B 292 6.81 -5.47 5.84
CA MET B 292 7.03 -5.41 7.28
C MET B 292 8.06 -6.43 7.76
N GLU B 293 8.14 -7.56 7.11
CA GLU B 293 9.20 -8.54 7.42
C GLU B 293 10.59 -7.96 7.05
N LYS B 294 10.71 -7.47 5.80
CA LYS B 294 11.89 -6.71 5.35
C LYS B 294 12.36 -5.61 6.37
N GLU B 295 11.45 -4.75 6.83
CA GLU B 295 11.76 -3.75 7.87
C GLU B 295 12.25 -4.32 9.20
N ARG B 296 11.74 -5.49 9.61
CA ARG B 296 12.16 -6.12 10.87
C ARG B 296 13.47 -6.87 10.67
N GLY B 297 13.96 -7.01 9.42
CA GLY B 297 15.16 -7.82 9.14
C GLY B 297 14.98 -9.32 9.33
N VAL B 298 13.79 -9.84 9.03
CA VAL B 298 13.50 -11.29 9.10
C VAL B 298 13.12 -11.81 7.73
N GLU B 299 13.14 -13.13 7.58
CA GLU B 299 12.88 -13.83 6.31
C GLU B 299 11.54 -13.46 5.67
N VAL B 300 11.64 -13.21 4.36
CA VAL B 300 10.45 -13.01 3.51
C VAL B 300 10.35 -14.16 2.50
N LEU B 301 9.25 -14.92 2.57
CA LEU B 301 8.99 -15.99 1.61
C LEU B 301 8.75 -15.37 0.21
N PRO B 302 9.05 -16.11 -0.85
CA PRO B 302 8.89 -15.48 -2.19
C PRO B 302 7.48 -14.97 -2.69
N MET B 303 6.38 -15.60 -2.25
CA MET B 303 5.01 -15.06 -2.52
C MET B 303 4.64 -13.85 -1.69
N PHE B 304 5.36 -13.55 -0.60
CA PHE B 304 5.14 -12.31 0.19
C PHE B 304 6.03 -11.15 -0.29
N ASP B 305 6.96 -11.43 -1.23
CA ASP B 305 7.97 -10.48 -1.74
C ASP B 305 7.49 -9.64 -2.97
N ARG B 306 7.22 -8.36 -2.71
CA ARG B 306 6.72 -7.39 -3.74
C ARG B 306 7.64 -7.18 -4.93
N SER B 307 8.95 -7.28 -4.70
CA SER B 307 9.98 -7.18 -5.76
C SER B 307 9.92 -8.27 -6.81
N LYS B 308 9.74 -9.53 -6.38
CA LYS B 308 9.76 -10.67 -7.34
C LYS B 308 8.52 -10.68 -8.27
N ASN B 309 7.44 -10.03 -7.82
CA ASN B 309 6.22 -9.77 -8.59
C ASN B 309 5.66 -11.04 -9.24
N MET B 310 5.78 -12.15 -8.49
CA MET B 310 5.44 -13.44 -9.00
C MET B 310 3.98 -13.42 -9.42
N GLU B 311 3.74 -13.94 -10.62
CA GLU B 311 2.46 -13.79 -11.29
C GLU B 311 1.28 -14.37 -10.48
N LEU B 312 0.25 -13.54 -10.33
CA LEU B 312 -1.08 -13.92 -9.81
C LEU B 312 -1.55 -15.35 -10.17
N ALA B 313 -1.47 -15.66 -11.46
CA ALA B 313 -1.91 -16.94 -11.97
C ALA B 313 -1.21 -18.11 -11.33
N LYS B 314 0.11 -18.05 -11.15
CA LYS B 314 0.82 -19.20 -10.57
C LYS B 314 0.40 -19.45 -9.12
N GLY B 315 0.23 -18.36 -8.38
CA GLY B 315 -0.33 -18.41 -7.03
C GLY B 315 -1.63 -19.18 -7.02
N GLN B 316 -2.62 -18.66 -7.75
CA GLN B 316 -3.93 -19.27 -7.81
C GLN B 316 -3.90 -20.75 -8.23
N ILE B 317 -3.07 -21.09 -9.22
CA ILE B 317 -2.99 -22.46 -9.71
C ILE B 317 -2.41 -23.35 -8.63
N GLY B 318 -1.34 -22.88 -7.98
CA GLY B 318 -0.75 -23.63 -6.88
C GLY B 318 -1.75 -23.89 -5.76
N PHE B 319 -2.46 -22.82 -5.38
CA PHE B 319 -3.46 -22.92 -4.32
C PHE B 319 -4.54 -23.93 -4.72
N ILE B 320 -4.98 -23.85 -5.97
CA ILE B 320 -5.97 -24.78 -6.49
C ILE B 320 -5.45 -26.22 -6.41
N ASP B 321 -4.22 -26.47 -6.82
CA ASP B 321 -3.72 -27.84 -6.93
C ASP B 321 -3.46 -28.50 -5.59
N PHE B 322 -2.81 -27.76 -4.70
CA PHE B 322 -2.39 -28.32 -3.41
C PHE B 322 -3.38 -28.19 -2.27
N VAL B 323 -4.25 -27.17 -2.30
CA VAL B 323 -5.22 -26.91 -1.21
C VAL B 323 -6.67 -27.05 -1.67
N ALA B 324 -7.16 -26.14 -2.51
CA ALA B 324 -8.62 -26.01 -2.75
C ALA B 324 -9.29 -27.18 -3.47
N ALA B 325 -8.72 -27.62 -4.61
CA ALA B 325 -9.32 -28.73 -5.39
C ALA B 325 -9.43 -30.01 -4.59
N PRO B 326 -8.35 -30.45 -3.95
CA PRO B 326 -8.49 -31.64 -3.07
C PRO B 326 -9.51 -31.51 -1.93
N PHE B 327 -9.55 -30.34 -1.30
CA PHE B 327 -10.44 -30.08 -0.17
C PHE B 327 -11.89 -30.16 -0.62
N PHE B 328 -12.21 -29.41 -1.65
CA PHE B 328 -13.58 -29.37 -2.12
C PHE B 328 -14.04 -30.71 -2.74
N GLN B 329 -13.17 -31.36 -3.51
CA GLN B 329 -13.48 -32.67 -4.07
C GLN B 329 -13.73 -33.67 -2.96
N LYS B 330 -12.87 -33.72 -1.96
CA LYS B 330 -13.00 -34.70 -0.91
C LYS B 330 -14.26 -34.53 -0.04
N ILE B 331 -14.67 -33.29 0.24
CA ILE B 331 -15.88 -33.07 1.06
C ILE B 331 -17.14 -33.26 0.27
N VAL B 332 -17.11 -32.89 -1.00
CA VAL B 332 -18.22 -33.17 -1.90
C VAL B 332 -18.41 -34.68 -2.03
N ASP B 333 -17.33 -35.43 -2.28
CA ASP B 333 -17.44 -36.88 -2.41
C ASP B 333 -17.90 -37.53 -1.14
N ALA B 334 -17.26 -37.16 -0.04
CA ALA B 334 -17.58 -37.74 1.24
C ALA B 334 -19.00 -37.57 1.65
N CYS B 335 -19.61 -36.44 1.35
CA CYS B 335 -20.99 -36.26 1.74
C CYS B 335 -21.72 -34.99 1.30
N LEU B 336 -21.02 -33.96 0.91
CA LEU B 336 -21.66 -32.73 0.49
C LEU B 336 -21.88 -32.67 -1.00
N GLN B 337 -22.66 -33.61 -1.51
CA GLN B 337 -22.96 -33.70 -2.92
C GLN B 337 -23.57 -32.48 -3.57
N GLY B 338 -24.41 -31.75 -2.86
CA GLY B 338 -25.03 -30.54 -3.41
C GLY B 338 -24.04 -29.42 -3.63
N MET B 339 -22.80 -29.55 -3.14
CA MET B 339 -21.78 -28.53 -3.38
C MET B 339 -20.85 -28.87 -4.59
N GLN B 340 -21.34 -29.71 -5.52
CA GLN B 340 -20.56 -30.10 -6.73
C GLN B 340 -20.08 -28.88 -7.56
N TRP B 341 -20.91 -27.85 -7.64
CA TRP B 341 -20.59 -26.67 -8.44
C TRP B 341 -19.25 -26.02 -8.02
N THR B 342 -18.93 -26.11 -6.73
CA THR B 342 -17.68 -25.56 -6.27
C THR B 342 -16.50 -26.26 -6.96
N VAL B 343 -16.53 -27.60 -7.01
CA VAL B 343 -15.51 -28.34 -7.73
C VAL B 343 -15.44 -27.99 -9.24
N ASP B 344 -16.60 -27.85 -9.88
CA ASP B 344 -16.66 -27.42 -11.29
C ASP B 344 -16.06 -26.05 -11.48
N ARG B 345 -16.44 -25.07 -10.66
CA ARG B 345 -15.88 -23.73 -10.81
C ARG B 345 -14.36 -23.62 -10.57
N ILE B 346 -13.86 -24.45 -9.68
CA ILE B 346 -12.43 -24.50 -9.45
C ILE B 346 -11.72 -25.00 -10.71
N LYS B 347 -12.22 -26.07 -11.33
CA LYS B 347 -11.64 -26.57 -12.61
C LYS B 347 -11.74 -25.51 -13.71
N SER B 348 -12.91 -24.93 -13.89
CA SER B 348 -13.06 -23.84 -14.87
C SER B 348 -12.06 -22.71 -14.60
N ASN B 349 -11.90 -22.31 -13.35
CA ASN B 349 -10.98 -21.21 -13.00
C ASN B 349 -9.49 -21.54 -13.21
N ARG B 350 -9.10 -22.77 -12.90
CA ARG B 350 -7.72 -23.19 -13.07
C ARG B 350 -7.36 -23.03 -14.52
N ALA B 351 -8.19 -23.62 -15.39
CA ALA B 351 -8.02 -23.52 -16.84
C ALA B 351 -8.01 -22.05 -17.33
N GLN B 352 -8.87 -21.21 -16.79
CA GLN B 352 -8.79 -19.78 -17.11
C GLN B 352 -7.45 -19.11 -16.63
N TRP B 353 -6.87 -19.56 -15.52
CA TRP B 353 -5.58 -19.03 -15.10
C TRP B 353 -4.46 -19.48 -16.05
N GLU B 354 -4.56 -20.72 -16.55
CA GLU B 354 -3.64 -21.22 -17.58
C GLU B 354 -3.73 -20.35 -18.85
N ARG B 355 -4.92 -19.90 -19.22
CA ARG B 355 -5.07 -18.99 -20.39
C ARG B 355 -4.50 -17.61 -20.17
N VAL B 356 -4.44 -17.16 -18.92
CA VAL B 356 -3.69 -15.94 -18.58
C VAL B 356 -2.16 -16.18 -18.70
N LEU B 357 -1.71 -17.39 -18.38
CA LEU B 357 -0.29 -17.75 -18.54
C LEU B 357 0.10 -17.93 -20.02
N GLU B 358 -0.63 -18.78 -20.74
CA GLU B 358 -0.36 -19.09 -22.17
C GLU B 358 -0.35 -17.84 -23.07
N THR B 359 -1.09 -16.78 -22.70
CA THR B 359 -1.19 -15.53 -23.49
C THR B 359 -0.57 -14.26 -22.88
N ARG B 360 0.44 -14.34 -22.00
CA ARG B 360 1.06 -13.09 -21.46
C ARG B 360 2.44 -12.79 -22.08
#